data_5SXN
#
_entry.id   5SXN
#
_cell.length_a   140.106
_cell.length_b   140.106
_cell.length_c   140.106
_cell.angle_alpha   90.000
_cell.angle_beta   90.000
_cell.angle_gamma   90.000
#
_symmetry.space_group_name_H-M   'P 21 3'
#
loop_
_entity.id
_entity.type
_entity.pdbx_description
1 polymer Renin
2 branched 2-acetamido-2-deoxy-beta-D-glucopyranose-(1-4)-2-acetamido-2-deoxy-beta-D-glucopyranose
3 non-polymer N-[(furan-2-yl)methyl]-2-phenylquinazolin-4-amine
4 non-polymer DI(HYDROXYETHYL)ETHER
5 non-polymer 2-acetamido-2-deoxy-beta-D-glucopyranose
6 non-polymer 'TRIETHYLENE GLYCOL'
7 water water
#
_entity_poly.entity_id   1
_entity_poly.type   'polypeptide(L)'
_entity_poly.pdbx_seq_one_letter_code
;TLGNTTSSVILTNYMDTQYYGEIGIGTPPQTFKVVFDTGSSNVWVPSSKCSRLYTACVYHKLFDASDSSSYKHNGTELTL
RYSTGTVSGFLSQDIITVGGITVTQMFGEVTEMPALPFMLAEFDGVVGMGFIEQAIGRVTPIFDNIISQGVLKEDVFSFY
YNRDSENSQSLGGQIVLGGSDPQHYEGNFHYINLIKTGVWQIQMKGVSVGSSTLLCEDGCLALVDTGASYISGSTSSIEK
LMEALGAKKRLFDYVVKCNEGPTLPDISFHLGGKEYTLTSADYVFQESYSSKKLCTLAIHAMDIPPPTGPTWALGATFIR
KFYTEFDRRNNRIGFALAR
;
_entity_poly.pdbx_strand_id   A,B
#
loop_
_chem_comp.id
_chem_comp.type
_chem_comp.name
_chem_comp.formula
74U non-polymer N-[(furan-2-yl)methyl]-2-phenylquinazolin-4-amine 'C19 H15 N3 O'
NAG D-saccharide, beta linking 2-acetamido-2-deoxy-beta-D-glucopyranose 'C8 H15 N O6'
PEG non-polymer DI(HYDROXYETHYL)ETHER 'C4 H10 O3'
PGE non-polymer 'TRIETHYLENE GLYCOL' 'C6 H14 O4'
#
# COMPACT_ATOMS: atom_id res chain seq x y z
N THR A 1 -22.86 9.82 27.46
CA THR A 1 -22.56 11.28 27.31
C THR A 1 -21.32 11.50 26.41
N LEU A 2 -21.45 12.44 25.47
CA LEU A 2 -20.40 12.73 24.48
C LEU A 2 -19.86 14.16 24.67
N GLY A 3 -18.54 14.29 24.56
CA GLY A 3 -17.85 15.58 24.67
C GLY A 3 -17.41 16.09 23.31
N ASN A 4 -16.27 16.79 23.29
CA ASN A 4 -15.70 17.35 22.06
C ASN A 4 -14.26 16.90 21.80
N THR A 5 -13.79 15.88 22.52
CA THR A 5 -12.40 15.43 22.41
C THR A 5 -12.28 14.29 21.40
N THR A 6 -11.23 14.38 20.58
CA THR A 6 -10.69 13.21 19.91
C THR A 6 -9.22 13.20 20.27
N SER A 7 -8.65 12.01 20.34
CA SER A 7 -7.28 11.83 20.78
C SER A 7 -6.66 10.84 19.82
N SER A 8 -5.38 11.00 19.52
CA SER A 8 -4.70 10.08 18.63
C SER A 8 -3.49 9.43 19.29
N VAL A 9 -3.28 8.16 18.99
CA VAL A 9 -2.13 7.40 19.47
C VAL A 9 -1.29 7.05 18.25
N ILE A 10 -0.05 7.55 18.22
CA ILE A 10 0.86 7.26 17.12
C ILE A 10 1.36 5.84 17.31
N LEU A 11 1.38 5.08 16.22
CA LEU A 11 1.83 3.69 16.30
C LEU A 11 3.13 3.48 15.53
N THR A 12 3.91 2.53 16.01
CA THR A 12 5.12 2.08 15.37
C THR A 12 4.82 0.79 14.63
N ASN A 13 5.32 0.69 13.41
CA ASN A 13 5.14 -0.52 12.60
C ASN A 13 6.43 -1.32 12.65
N TYR A 14 6.40 -2.43 13.38
CA TYR A 14 7.50 -3.37 13.35
C TYR A 14 7.24 -4.47 12.31
N MET A 15 8.01 -4.41 11.22
CA MET A 15 8.08 -5.40 10.12
CA MET A 15 8.08 -5.51 10.23
C MET A 15 6.72 -5.86 9.59
N ASP A 16 5.76 -4.93 9.55
CA ASP A 16 4.40 -5.19 9.08
C ASP A 16 3.59 -6.22 9.91
N THR A 17 4.13 -6.69 11.04
CA THR A 17 3.48 -7.70 11.85
C THR A 17 3.07 -7.26 13.25
N GLN A 18 3.73 -6.23 13.80
CA GLN A 18 3.40 -5.74 15.13
C GLN A 18 3.29 -4.23 15.07
N TYR A 19 2.08 -3.75 15.36
CA TYR A 19 1.78 -2.34 15.40
C TYR A 19 1.50 -2.04 16.86
N TYR A 20 2.23 -1.08 17.42
CA TYR A 20 2.13 -0.79 18.83
C TYR A 20 2.29 0.69 19.08
N GLY A 21 1.70 1.14 20.19
CA GLY A 21 1.81 2.52 20.63
C GLY A 21 2.22 2.54 22.08
N GLU A 22 2.29 3.74 22.62
CA GLU A 22 2.82 3.98 23.94
C GLU A 22 1.65 4.23 24.89
N ILE A 23 1.69 3.65 26.08
CA ILE A 23 0.86 4.10 27.20
C ILE A 23 1.77 4.38 28.41
N GLY A 24 1.31 5.27 29.29
CA GLY A 24 1.99 5.53 30.56
C GLY A 24 1.14 4.97 31.69
N ILE A 25 1.74 4.17 32.58
CA ILE A 25 1.03 3.62 33.76
C ILE A 25 1.67 4.12 35.05
N GLY A 26 0.86 4.63 35.96
CA GLY A 26 1.33 5.03 37.29
C GLY A 26 1.82 6.44 37.40
N THR A 27 2.30 6.76 38.59
CA THR A 27 2.77 8.07 38.95
C THR A 27 4.13 7.90 39.65
N PRO A 28 5.23 8.38 39.05
CA PRO A 28 5.26 8.94 37.69
C PRO A 28 4.97 7.87 36.63
N PRO A 29 4.68 8.30 35.39
CA PRO A 29 4.33 7.33 34.37
C PRO A 29 5.48 6.35 34.07
N GLN A 30 5.13 5.07 33.99
CA GLN A 30 5.99 4.05 33.44
C GLN A 30 5.46 3.77 32.06
N THR A 31 6.32 3.86 31.04
CA THR A 31 5.87 3.77 29.65
C THR A 31 5.97 2.33 29.16
N PHE A 32 5.00 1.91 28.36
CA PHE A 32 4.94 0.58 27.78
C PHE A 32 4.56 0.68 26.32
N LYS A 33 5.21 -0.14 25.50
CA LYS A 33 4.77 -0.41 24.14
C LYS A 33 3.66 -1.41 24.20
N VAL A 34 2.53 -1.10 23.58
CA VAL A 34 1.38 -1.98 23.63
C VAL A 34 0.68 -2.11 22.28
N VAL A 35 0.22 -3.32 22.00
CA VAL A 35 -0.65 -3.59 20.88
C VAL A 35 -2.05 -3.23 21.32
N PHE A 36 -2.76 -2.51 20.45
CA PHE A 36 -4.15 -2.21 20.68
C PHE A 36 -4.95 -3.22 19.87
N ASP A 37 -5.68 -4.07 20.59
CA ASP A 37 -6.19 -5.32 20.05
C ASP A 37 -7.71 -5.39 20.18
N THR A 38 -8.41 -5.22 19.06
CA THR A 38 -9.88 -5.36 19.06
C THR A 38 -10.33 -6.80 19.28
N GLY A 39 -9.41 -7.76 19.14
CA GLY A 39 -9.69 -9.16 19.40
C GLY A 39 -9.77 -9.56 20.86
N SER A 40 -9.37 -8.70 21.79
CA SER A 40 -9.42 -9.00 23.23
C SER A 40 -9.82 -7.74 24.00
N SER A 41 -10.04 -7.90 25.31
CA SER A 41 -10.64 -6.82 26.12
C SER A 41 -9.92 -6.46 27.41
N ASN A 42 -8.77 -7.09 27.67
CA ASN A 42 -8.01 -6.83 28.90
C ASN A 42 -6.75 -6.04 28.58
N VAL A 43 -6.35 -5.20 29.52
CA VAL A 43 -5.05 -4.56 29.49
C VAL A 43 -4.11 -5.41 30.30
N TRP A 44 -2.91 -5.65 29.78
CA TRP A 44 -1.83 -6.21 30.58
C TRP A 44 -0.48 -5.68 30.16
N VAL A 45 0.44 -5.66 31.11
CA VAL A 45 1.85 -5.39 30.86
C VAL A 45 2.66 -6.31 31.76
N PRO A 46 3.94 -6.56 31.41
CA PRO A 46 4.76 -7.38 32.28
C PRO A 46 4.98 -6.73 33.65
N SER A 47 5.08 -7.56 34.67
CA SER A 47 5.24 -7.10 36.04
C SER A 47 6.70 -7.18 36.49
N SER A 48 7.09 -6.27 37.37
CA SER A 48 8.34 -6.41 38.15
C SER A 48 8.35 -7.70 38.98
N LYS A 49 7.16 -8.21 39.32
CA LYS A 49 7.06 -9.49 40.03
C LYS A 49 7.24 -10.73 39.14
N CYS A 50 7.40 -10.53 37.83
CA CYS A 50 7.73 -11.62 36.92
C CYS A 50 9.13 -12.16 37.22
N SER A 51 9.23 -13.43 37.59
CA SER A 51 10.54 -14.08 37.77
C SER A 51 11.41 -13.83 36.54
N ARG A 52 12.68 -13.53 36.77
CA ARG A 52 13.58 -13.27 35.65
C ARG A 52 14.01 -14.54 34.95
N LEU A 53 13.62 -15.70 35.49
CA LEU A 53 13.70 -16.98 34.78
C LEU A 53 12.81 -16.99 33.54
N TYR A 54 11.77 -16.15 33.51
CA TYR A 54 11.10 -15.79 32.25
C TYR A 54 11.96 -14.75 31.53
N THR A 55 12.69 -15.22 30.53
CA THR A 55 13.57 -14.35 29.78
C THR A 55 12.82 -13.21 29.07
N ALA A 56 11.57 -13.46 28.65
CA ALA A 56 10.73 -12.38 28.12
C ALA A 56 10.61 -11.21 29.08
N CYS A 57 10.58 -11.48 30.39
CA CYS A 57 10.55 -10.42 31.39
C CYS A 57 11.88 -9.70 31.54
N VAL A 58 12.99 -10.40 31.28
CA VAL A 58 14.29 -9.75 31.21
C VAL A 58 14.35 -8.75 30.03
N TYR A 59 13.68 -9.06 28.93
CA TYR A 59 13.76 -8.27 27.69
C TYR A 59 12.64 -7.24 27.46
N HIS A 60 11.74 -7.07 28.42
CA HIS A 60 10.67 -6.09 28.29
C HIS A 60 10.58 -5.14 29.47
N LYS A 61 9.86 -4.04 29.25
CA LYS A 61 9.56 -3.11 30.32
C LYS A 61 8.64 -3.80 31.34
N LEU A 62 8.98 -3.63 32.62
CA LEU A 62 8.25 -4.25 33.72
C LEU A 62 7.57 -3.18 34.56
N PHE A 63 6.28 -3.33 34.80
CA PHE A 63 5.58 -2.42 35.68
C PHE A 63 5.96 -2.70 37.12
N ASP A 64 6.44 -1.67 37.80
CA ASP A 64 6.77 -1.77 39.19
C ASP A 64 5.78 -0.95 40.01
N ALA A 65 4.82 -1.65 40.61
CA ALA A 65 3.84 -1.03 41.53
C ALA A 65 4.51 -0.25 42.65
N SER A 66 5.67 -0.73 43.12
CA SER A 66 6.39 -0.08 44.22
C SER A 66 7.04 1.27 43.85
N ASP A 67 7.03 1.64 42.56
CA ASP A 67 7.42 2.99 42.13
C ASP A 67 6.24 3.90 41.79
N SER A 68 5.00 3.41 41.91
CA SER A 68 3.81 4.22 41.59
C SER A 68 3.03 4.61 42.84
N SER A 69 2.91 5.91 43.06
CA SER A 69 2.11 6.43 44.17
C SER A 69 0.59 6.40 43.93
N SER A 70 0.16 6.11 42.70
CA SER A 70 -1.27 6.03 42.38
C SER A 70 -1.77 4.58 42.27
N TYR A 71 -0.88 3.61 42.43
CA TYR A 71 -1.24 2.20 42.40
C TYR A 71 -2.24 1.82 43.49
N LYS A 72 -3.20 0.98 43.12
CA LYS A 72 -4.15 0.42 44.07
C LYS A 72 -4.15 -1.08 43.85
N HIS A 73 -3.76 -1.78 44.91
CA HIS A 73 -3.66 -3.23 44.93
C HIS A 73 -5.01 -3.88 44.66
N ASN A 74 -4.98 -4.98 43.91
CA ASN A 74 -6.11 -5.86 43.85
C ASN A 74 -5.66 -7.29 44.09
N GLY A 75 -4.87 -7.83 43.17
CA GLY A 75 -4.24 -9.14 43.36
C GLY A 75 -5.01 -10.37 42.89
N THR A 76 -6.19 -10.20 42.31
CA THR A 76 -6.93 -11.35 41.76
C THR A 76 -6.12 -11.93 40.59
N GLU A 77 -5.95 -13.26 40.58
CA GLU A 77 -5.19 -13.91 39.52
CA GLU A 77 -5.19 -13.92 39.51
C GLU A 77 -5.97 -13.82 38.20
N LEU A 78 -5.25 -13.71 37.10
CA LEU A 78 -5.88 -13.85 35.80
C LEU A 78 -4.91 -14.47 34.82
N THR A 79 -5.49 -15.22 33.89
CA THR A 79 -4.78 -15.82 32.79
C THR A 79 -5.50 -15.38 31.52
N LEU A 80 -4.69 -14.93 30.56
CA LEU A 80 -5.17 -14.46 29.28
C LEU A 80 -4.58 -15.36 28.21
N ARG A 81 -5.47 -16.04 27.49
CA ARG A 81 -5.09 -17.02 26.49
C ARG A 81 -5.38 -16.39 25.14
N TYR A 82 -4.33 -16.09 24.38
CA TYR A 82 -4.43 -15.63 23.01
C TYR A 82 -4.14 -16.80 22.08
N SER A 83 -4.27 -16.56 20.77
CA SER A 83 -4.13 -17.63 19.78
C SER A 83 -2.69 -18.09 19.66
N THR A 84 -1.75 -17.18 19.92
CA THR A 84 -0.32 -17.45 19.79
C THR A 84 0.40 -17.66 21.14
N GLY A 85 -0.33 -17.57 22.24
CA GLY A 85 0.27 -17.77 23.54
C GLY A 85 -0.58 -17.29 24.68
N THR A 86 -0.05 -17.53 25.87
CA THR A 86 -0.76 -17.26 27.10
C THR A 86 0.09 -16.42 28.03
N VAL A 87 -0.55 -15.51 28.77
CA VAL A 87 0.10 -14.85 29.88
C VAL A 87 -0.75 -14.99 31.12
N SER A 88 -0.09 -14.97 32.27
CA SER A 88 -0.75 -15.07 33.54
C SER A 88 -0.10 -14.11 34.53
N GLY A 89 -0.91 -13.69 35.49
CA GLY A 89 -0.46 -12.80 36.54
C GLY A 89 -1.62 -12.39 37.40
N PHE A 90 -1.71 -11.12 37.75
CA PHE A 90 -2.72 -10.64 38.69
C PHE A 90 -3.17 -9.22 38.39
N LEU A 91 -4.34 -8.85 38.93
CA LEU A 91 -4.94 -7.56 38.66
C LEU A 91 -4.38 -6.45 39.55
N SER A 92 -4.16 -5.30 38.94
CA SER A 92 -3.77 -4.08 39.64
C SER A 92 -4.51 -2.93 39.01
N GLN A 93 -4.67 -1.87 39.79
CA GLN A 93 -5.28 -0.65 39.31
C GLN A 93 -4.25 0.47 39.38
N ASP A 94 -4.23 1.29 38.35
CA ASP A 94 -3.42 2.50 38.37
C ASP A 94 -3.94 3.44 37.30
N ILE A 95 -3.38 4.64 37.28
CA ILE A 95 -3.66 5.63 36.26
C ILE A 95 -2.93 5.23 34.99
N ILE A 96 -3.67 5.20 33.87
CA ILE A 96 -3.12 4.93 32.56
C ILE A 96 -3.40 6.11 31.65
N THR A 97 -2.36 6.63 31.01
CA THR A 97 -2.52 7.67 30.00
C THR A 97 -2.37 7.03 28.64
N VAL A 98 -3.34 7.33 27.77
CA VAL A 98 -3.34 6.87 26.40
C VAL A 98 -3.77 8.05 25.53
N GLY A 99 -2.88 8.47 24.64
CA GLY A 99 -3.06 9.66 23.81
C GLY A 99 -3.44 10.91 24.59
N GLY A 100 -2.87 11.07 25.78
CA GLY A 100 -3.20 12.24 26.61
C GLY A 100 -4.58 12.22 27.27
N ILE A 101 -5.30 11.10 27.15
CA ILE A 101 -6.45 10.82 28.01
C ILE A 101 -5.91 10.01 29.16
N THR A 102 -6.28 10.42 30.37
CA THR A 102 -5.86 9.74 31.58
C THR A 102 -7.08 9.00 32.13
N VAL A 103 -6.90 7.72 32.45
CA VAL A 103 -7.98 6.91 32.96
C VAL A 103 -7.51 6.00 34.10
N THR A 104 -8.32 5.88 35.14
CA THR A 104 -8.09 4.91 36.19
C THR A 104 -8.52 3.56 35.63
N GLN A 105 -7.58 2.61 35.60
CA GLN A 105 -7.76 1.37 34.86
C GLN A 105 -7.25 0.18 35.64
N MET A 106 -8.07 -0.87 35.68
CA MET A 106 -7.66 -2.15 36.20
C MET A 106 -6.98 -2.90 35.05
N PHE A 107 -5.82 -3.47 35.33
CA PHE A 107 -5.01 -4.18 34.32
C PHE A 107 -4.26 -5.36 34.93
N GLY A 108 -3.73 -6.22 34.07
CA GLY A 108 -2.98 -7.38 34.49
C GLY A 108 -1.52 -7.04 34.63
N GLU A 109 -0.95 -7.34 35.78
CA GLU A 109 0.49 -7.39 35.96
C GLU A 109 0.89 -8.82 35.65
N VAL A 110 1.58 -9.02 34.55
CA VAL A 110 1.93 -10.36 34.07
C VAL A 110 3.23 -10.84 34.73
N THR A 111 3.13 -11.98 35.41
CA THR A 111 4.26 -12.60 36.09
C THR A 111 4.73 -13.90 35.41
N GLU A 112 3.97 -14.37 34.42
CA GLU A 112 4.33 -15.57 33.67
C GLU A 112 4.14 -15.24 32.21
N MET A 113 5.24 -15.24 31.49
CA MET A 113 5.31 -14.65 30.17
C MET A 113 6.25 -15.52 29.32
N PRO A 114 5.68 -16.56 28.67
CA PRO A 114 6.46 -17.56 27.93
C PRO A 114 7.44 -16.97 26.91
N ALA A 115 8.66 -17.46 26.92
CA ALA A 115 9.71 -16.99 26.01
C ALA A 115 9.27 -17.11 24.54
N LEU A 116 8.69 -18.24 24.19
CA LEU A 116 7.97 -18.38 22.95
C LEU A 116 6.49 -18.19 23.29
N PRO A 117 5.83 -17.13 22.77
CA PRO A 117 6.31 -16.25 21.72
C PRO A 117 6.92 -14.90 22.19
N PHE A 118 6.86 -14.59 23.47
CA PHE A 118 7.04 -13.19 23.88
C PHE A 118 8.43 -12.61 23.78
N MET A 119 9.45 -13.45 23.64
CA MET A 119 10.79 -12.98 23.25
C MET A 119 10.82 -12.38 21.84
N LEU A 120 9.84 -12.75 21.01
CA LEU A 120 9.73 -12.20 19.67
C LEU A 120 8.81 -10.99 19.59
N ALA A 121 8.25 -10.56 20.71
CA ALA A 121 7.41 -9.36 20.76
C ALA A 121 8.27 -8.14 20.97
N GLU A 122 8.17 -7.19 20.04
CA GLU A 122 8.76 -5.87 20.19
C GLU A 122 7.97 -5.08 21.24
N PHE A 123 6.67 -5.28 21.28
CA PHE A 123 5.81 -4.67 22.29
C PHE A 123 5.99 -5.33 23.65
N ASP A 124 5.56 -4.62 24.70
CA ASP A 124 5.60 -5.12 26.06
C ASP A 124 4.29 -5.78 26.46
N GLY A 125 3.18 -5.15 26.11
CA GLY A 125 1.88 -5.62 26.58
C GLY A 125 0.78 -5.35 25.58
N VAL A 126 -0.45 -5.49 26.04
CA VAL A 126 -1.62 -5.41 25.19
C VAL A 126 -2.68 -4.55 25.86
N VAL A 127 -3.34 -3.74 25.04
CA VAL A 127 -4.50 -2.97 25.44
C VAL A 127 -5.66 -3.52 24.63
N GLY A 128 -6.54 -4.28 25.28
CA GLY A 128 -7.68 -4.86 24.61
C GLY A 128 -8.70 -3.78 24.28
N MET A 129 -9.17 -3.75 23.03
CA MET A 129 -10.14 -2.77 22.55
C MET A 129 -11.49 -3.43 22.27
N GLY A 130 -11.66 -4.65 22.76
CA GLY A 130 -12.90 -5.40 22.64
C GLY A 130 -13.85 -5.01 23.74
N PHE A 131 -14.98 -5.69 23.78
CA PHE A 131 -16.05 -5.36 24.68
C PHE A 131 -15.88 -6.03 26.04
N ILE A 132 -16.53 -5.45 27.05
CA ILE A 132 -16.52 -6.01 28.40
C ILE A 132 -17.00 -7.46 28.43
N GLU A 133 -17.93 -7.83 27.53
CA GLU A 133 -18.40 -9.23 27.42
C GLU A 133 -17.26 -10.25 27.26
N GLN A 134 -16.16 -9.87 26.61
CA GLN A 134 -15.02 -10.78 26.42
C GLN A 134 -13.87 -10.52 27.39
N ALA A 135 -14.08 -9.67 28.40
CA ALA A 135 -13.01 -9.35 29.32
C ALA A 135 -12.89 -10.51 30.30
N ILE A 136 -11.65 -10.97 30.49
CA ILE A 136 -11.37 -12.01 31.47
C ILE A 136 -11.45 -11.35 32.83
N GLY A 137 -12.17 -11.99 33.77
CA GLY A 137 -12.38 -11.44 35.11
C GLY A 137 -13.36 -10.29 35.18
N ARG A 138 -14.14 -10.06 34.12
CA ARG A 138 -15.12 -8.97 34.04
C ARG A 138 -14.50 -7.60 34.34
N VAL A 139 -13.25 -7.41 33.93
CA VAL A 139 -12.55 -6.16 34.17
C VAL A 139 -13.06 -5.17 33.13
N THR A 140 -13.49 -4.00 33.58
CA THR A 140 -13.99 -2.95 32.68
C THR A 140 -12.87 -2.56 31.69
N PRO A 141 -13.11 -2.73 30.37
CA PRO A 141 -12.03 -2.40 29.42
C PRO A 141 -11.72 -0.92 29.36
N ILE A 142 -10.51 -0.60 28.90
CA ILE A 142 -10.06 0.80 28.91
C ILE A 142 -10.98 1.75 28.14
N PHE A 143 -11.43 1.34 26.96
CA PHE A 143 -12.25 2.23 26.15
C PHE A 143 -13.59 2.53 26.82
N ASP A 144 -14.18 1.54 27.48
CA ASP A 144 -15.37 1.76 28.29
C ASP A 144 -15.11 2.78 29.40
N ASN A 145 -13.98 2.69 30.07
CA ASN A 145 -13.64 3.69 31.09
C ASN A 145 -13.42 5.07 30.48
N ILE A 146 -12.86 5.14 29.27
CA ILE A 146 -12.71 6.43 28.59
C ILE A 146 -14.08 7.00 28.22
N ILE A 147 -14.97 6.16 27.71
CA ILE A 147 -16.33 6.58 27.38
C ILE A 147 -17.08 7.14 28.59
N SER A 148 -16.88 6.54 29.77
CA SER A 148 -17.52 7.01 31.02
C SER A 148 -17.13 8.44 31.43
N GLN A 149 -15.96 8.89 30.97
CA GLN A 149 -15.50 10.25 31.25
C GLN A 149 -16.27 11.32 30.47
N GLY A 150 -16.95 10.95 29.39
CA GLY A 150 -17.76 11.87 28.63
C GLY A 150 -16.98 12.96 27.89
N VAL A 151 -15.73 12.67 27.55
CA VAL A 151 -14.88 13.61 26.81
C VAL A 151 -14.88 13.34 25.32
N LEU A 152 -14.98 12.07 24.92
CA LEU A 152 -14.91 11.70 23.51
C LEU A 152 -16.10 12.25 22.69
N LYS A 153 -15.77 12.77 21.52
CA LYS A 153 -16.73 13.32 20.57
C LYS A 153 -17.69 12.25 20.06
N GLU A 154 -17.17 11.07 19.76
CA GLU A 154 -17.99 9.93 19.36
C GLU A 154 -17.57 8.67 20.12
N ASP A 155 -18.50 7.73 20.27
CA ASP A 155 -18.24 6.45 20.91
C ASP A 155 -17.68 5.49 19.84
N VAL A 156 -16.57 5.90 19.24
CA VAL A 156 -15.93 5.14 18.17
C VAL A 156 -14.42 5.29 18.33
N PHE A 157 -13.69 4.34 17.76
CA PHE A 157 -12.26 4.50 17.57
C PHE A 157 -11.86 3.89 16.23
N SER A 158 -10.77 4.39 15.66
CA SER A 158 -10.39 4.05 14.29
C SER A 158 -8.93 3.69 14.22
N PHE A 159 -8.60 2.80 13.28
CA PHE A 159 -7.25 2.28 13.09
C PHE A 159 -6.75 2.56 11.69
N TYR A 160 -5.56 3.16 11.63
CA TYR A 160 -4.76 3.24 10.42
C TYR A 160 -3.48 2.47 10.68
N TYR A 161 -3.19 1.49 9.84
CA TYR A 161 -1.91 0.78 9.86
C TYR A 161 -1.17 1.06 8.55
N ASN A 162 0.00 1.68 8.65
CA ASN A 162 0.81 1.98 7.47
C ASN A 162 1.53 0.74 6.94
N ARG A 163 1.91 0.81 5.67
CA ARG A 163 2.95 -0.07 5.12
C ARG A 163 4.29 0.30 5.78
N ASP A 164 5.17 -0.68 5.97
CA ASP A 164 6.46 -0.44 6.66
C ASP A 164 7.39 0.39 5.77
N SER A 165 8.52 0.87 6.31
CA SER A 165 9.57 1.48 5.46
C SER A 165 10.96 1.46 6.08
N ASN A 167 12.16 6.90 5.81
CA ASN A 167 12.16 5.57 6.42
C ASN A 167 11.56 5.61 7.83
N SER A 168 12.32 6.15 8.80
CA SER A 168 11.82 6.34 10.17
C SER A 168 10.84 7.52 10.23
N GLN A 169 11.01 8.48 9.31
CA GLN A 169 10.07 9.60 9.13
C GLN A 169 8.63 9.18 8.78
N SER A 170 8.44 7.93 8.32
CA SER A 170 7.11 7.40 8.06
C SER A 170 6.35 7.10 9.35
N LEU A 171 5.05 7.39 9.34
CA LEU A 171 4.14 7.10 10.44
C LEU A 171 3.78 5.61 10.40
N GLY A 172 4.09 4.85 11.46
CA GLY A 172 3.78 3.41 11.48
C GLY A 172 2.29 3.10 11.45
N GLY A 173 1.52 3.93 12.16
CA GLY A 173 0.08 3.84 12.17
C GLY A 173 -0.51 4.82 13.17
N GLN A 174 -1.83 4.77 13.33
CA GLN A 174 -2.54 5.76 14.12
C GLN A 174 -3.90 5.23 14.55
N ILE A 175 -4.16 5.29 15.86
CA ILE A 175 -5.48 5.10 16.41
C ILE A 175 -6.05 6.47 16.73
N VAL A 176 -7.28 6.72 16.31
CA VAL A 176 -8.02 7.91 16.73
C VAL A 176 -9.07 7.41 17.71
N LEU A 177 -8.98 7.88 18.95
CA LEU A 177 -10.00 7.65 19.96
C LEU A 177 -11.03 8.74 19.85
N GLY A 178 -12.28 8.35 19.67
CA GLY A 178 -13.39 9.28 19.58
C GLY A 178 -13.71 9.77 18.18
N GLY A 179 -13.11 9.16 17.15
CA GLY A 179 -13.39 9.58 15.79
C GLY A 179 -12.55 8.85 14.77
N SER A 180 -12.31 9.51 13.64
CA SER A 180 -11.44 8.99 12.59
C SER A 180 -10.66 10.16 11.99
N ASP A 181 -9.59 9.82 11.27
CA ASP A 181 -8.75 10.83 10.66
C ASP A 181 -8.87 10.76 9.12
N PRO A 182 -9.56 11.74 8.51
CA PRO A 182 -9.69 11.75 7.04
C PRO A 182 -8.37 11.91 6.26
N GLN A 183 -7.28 12.27 6.94
CA GLN A 183 -5.94 12.21 6.34
C GLN A 183 -5.49 10.77 5.96
N HIS A 184 -6.06 9.75 6.61
CA HIS A 184 -5.67 8.37 6.32
C HIS A 184 -6.72 7.47 5.67
N TYR A 185 -7.75 8.08 5.08
CA TYR A 185 -8.68 7.34 4.24
C TYR A 185 -9.28 8.22 3.19
N GLU A 186 -9.90 7.60 2.21
CA GLU A 186 -10.54 8.32 1.12
C GLU A 186 -11.76 7.53 0.69
N GLY A 187 -12.62 8.18 -0.08
CA GLY A 187 -13.95 7.65 -0.35
C GLY A 187 -14.75 7.58 0.93
N ASN A 188 -15.86 6.85 0.89
CA ASN A 188 -16.78 6.79 2.01
C ASN A 188 -16.59 5.53 2.82
N PHE A 189 -16.91 5.63 4.10
CA PHE A 189 -17.00 4.45 4.93
C PHE A 189 -18.15 3.61 4.42
N HIS A 190 -17.98 2.29 4.49
CA HIS A 190 -19.06 1.34 4.28
C HIS A 190 -19.12 0.46 5.50
N TYR A 191 -20.32 0.31 6.03
CA TYR A 191 -20.53 -0.21 7.36
C TYR A 191 -21.15 -1.60 7.30
N ILE A 192 -20.69 -2.46 8.20
CA ILE A 192 -21.30 -3.77 8.42
C ILE A 192 -21.63 -3.83 9.91
N ASN A 193 -22.88 -4.18 10.23
CA ASN A 193 -23.30 -4.31 11.61
C ASN A 193 -22.63 -5.52 12.23
N LEU A 194 -22.39 -5.47 13.54
CA LEU A 194 -21.86 -6.63 14.24
C LEU A 194 -22.93 -7.73 14.26
N ILE A 195 -22.47 -8.98 14.29
CA ILE A 195 -23.33 -10.15 14.50
C ILE A 195 -24.06 -9.95 15.82
N LYS A 196 -23.30 -9.59 16.85
CA LYS A 196 -23.86 -9.20 18.13
C LYS A 196 -22.91 -8.25 18.83
N THR A 197 -23.45 -7.44 19.74
CA THR A 197 -22.62 -6.62 20.61
C THR A 197 -21.77 -7.57 21.48
N GLY A 198 -20.59 -7.13 21.88
CA GLY A 198 -19.71 -7.95 22.69
C GLY A 198 -18.51 -8.53 21.97
N VAL A 199 -18.51 -8.51 20.63
CA VAL A 199 -17.33 -8.92 19.87
C VAL A 199 -17.29 -8.20 18.52
N TRP A 200 -16.09 -7.78 18.12
CA TRP A 200 -15.92 -7.03 16.87
C TRP A 200 -15.87 -8.02 15.72
N GLN A 201 -17.02 -8.64 15.47
CA GLN A 201 -17.14 -9.69 14.48
C GLN A 201 -18.35 -9.41 13.62
N ILE A 202 -18.17 -9.62 12.32
CA ILE A 202 -19.21 -9.33 11.34
C ILE A 202 -19.42 -10.55 10.46
N GLN A 203 -20.57 -10.57 9.80
CA GLN A 203 -20.86 -11.57 8.80
C GLN A 203 -19.99 -11.30 7.59
N MET A 204 -19.51 -12.37 6.95
CA MET A 204 -18.84 -12.28 5.67
C MET A 204 -19.63 -13.15 4.70
N LYS A 205 -19.88 -12.63 3.49
CA LYS A 205 -20.76 -13.29 2.51
C LYS A 205 -20.03 -14.12 1.46
N GLY A 206 -18.70 -14.16 1.51
CA GLY A 206 -17.93 -14.90 0.51
C GLY A 206 -16.45 -14.51 0.54
N VAL A 207 -15.60 -15.46 0.13
CA VAL A 207 -14.19 -15.20 -0.11
C VAL A 207 -13.87 -15.77 -1.50
N SER A 208 -13.31 -14.92 -2.35
CA SER A 208 -12.99 -15.29 -3.73
C SER A 208 -11.49 -15.28 -3.95
N VAL A 209 -10.98 -16.28 -4.66
CA VAL A 209 -9.61 -16.31 -5.14
C VAL A 209 -9.67 -16.24 -6.66
N GLY A 210 -9.24 -15.12 -7.22
CA GLY A 210 -9.34 -14.90 -8.66
C GLY A 210 -10.79 -14.76 -9.11
N THR A 213 -15.93 -17.52 -6.56
CA THR A 213 -16.17 -17.60 -5.13
C THR A 213 -15.84 -19.01 -4.59
N LEU A 214 -14.57 -19.22 -4.26
CA LEU A 214 -14.09 -20.53 -3.81
C LEU A 214 -14.57 -20.89 -2.41
N LEU A 215 -14.65 -19.92 -1.50
CA LEU A 215 -14.94 -20.21 -0.07
C LEU A 215 -16.02 -19.32 0.51
N CYS A 216 -16.49 -19.70 1.71
CA CYS A 216 -17.51 -18.97 2.46
C CYS A 216 -18.77 -18.72 1.62
N GLU A 217 -19.16 -19.72 0.83
CA GLU A 217 -20.23 -19.55 -0.17
C GLU A 217 -21.61 -19.33 0.45
N ASP A 218 -21.84 -19.91 1.62
CA ASP A 218 -23.08 -19.72 2.37
C ASP A 218 -22.87 -18.89 3.63
N GLY A 219 -21.93 -17.94 3.56
CA GLY A 219 -21.65 -17.05 4.66
C GLY A 219 -20.75 -17.64 5.73
N CYS A 220 -20.03 -16.77 6.42
CA CYS A 220 -19.12 -17.17 7.51
C CYS A 220 -18.87 -15.94 8.39
N LEU A 221 -17.93 -16.05 9.33
CA LEU A 221 -17.66 -14.98 10.28
C LEU A 221 -16.27 -14.35 10.03
N ALA A 222 -16.20 -13.04 10.27
CA ALA A 222 -14.95 -12.29 10.20
C ALA A 222 -14.78 -11.49 11.47
N LEU A 223 -13.84 -11.89 12.31
CA LEU A 223 -13.41 -11.08 13.42
C LEU A 223 -12.46 -10.01 12.85
N VAL A 224 -12.77 -8.73 13.11
CA VAL A 224 -11.94 -7.64 12.60
C VAL A 224 -10.99 -7.33 13.75
N ASP A 225 -9.74 -7.74 13.56
CA ASP A 225 -8.82 -8.00 14.65
C ASP A 225 -7.53 -7.21 14.49
N THR A 226 -7.48 -6.06 15.17
CA THR A 226 -6.36 -5.15 15.05
C THR A 226 -5.09 -5.71 15.69
N GLY A 227 -5.23 -6.67 16.60
CA GLY A 227 -4.08 -7.35 17.21
C GLY A 227 -3.59 -8.61 16.51
N ALA A 228 -4.20 -8.97 15.37
CA ALA A 228 -3.71 -10.07 14.53
C ALA A 228 -2.80 -9.50 13.42
N SER A 229 -1.64 -10.11 13.22
CA SER A 229 -0.74 -9.68 12.14
C SER A 229 -1.32 -9.96 10.76
N TYR A 230 -2.07 -11.05 10.65
CA TYR A 230 -2.47 -11.58 9.36
C TYR A 230 -3.97 -11.65 9.18
N ILE A 231 -4.35 -11.94 7.95
CA ILE A 231 -5.66 -12.49 7.67
C ILE A 231 -5.57 -13.98 8.02
N SER A 232 -6.52 -14.47 8.80
CA SER A 232 -6.59 -15.90 9.10
C SER A 232 -7.96 -16.47 8.78
N GLY A 233 -7.96 -17.74 8.41
CA GLY A 233 -9.17 -18.53 8.27
C GLY A 233 -8.96 -19.83 9.02
N SER A 234 -9.99 -20.68 9.03
CA SER A 234 -9.89 -22.03 9.57
C SER A 234 -8.92 -22.87 8.72
N THR A 235 -8.37 -23.91 9.32
CA THR A 235 -7.44 -24.81 8.64
C THR A 235 -7.99 -25.30 7.31
N SER A 236 -9.24 -25.77 7.32
CA SER A 236 -9.85 -26.26 6.08
C SER A 236 -10.10 -25.15 5.05
N SER A 237 -10.46 -23.95 5.51
CA SER A 237 -10.59 -22.80 4.60
C SER A 237 -9.23 -22.47 3.99
N ILE A 238 -8.22 -22.37 4.83
CA ILE A 238 -6.89 -21.94 4.41
C ILE A 238 -6.22 -23.00 3.54
N GLU A 239 -6.40 -24.28 3.88
CA GLU A 239 -5.97 -25.39 3.01
C GLU A 239 -6.51 -25.24 1.59
N LYS A 240 -7.79 -24.87 1.48
CA LYS A 240 -8.41 -24.64 0.17
C LYS A 240 -7.91 -23.35 -0.47
N LEU A 241 -7.88 -22.27 0.31
CA LEU A 241 -7.33 -21.00 -0.18
C LEU A 241 -5.93 -21.20 -0.76
N MET A 242 -5.08 -21.89 -0.01
CA MET A 242 -3.67 -22.05 -0.35
C MET A 242 -3.43 -23.00 -1.53
N GLU A 243 -4.22 -24.06 -1.62
CA GLU A 243 -4.20 -24.94 -2.80
C GLU A 243 -4.48 -24.15 -4.07
N ALA A 244 -5.44 -23.24 -4.01
CA ALA A 244 -5.77 -22.37 -5.15
C ALA A 244 -4.66 -21.36 -5.48
N LEU A 245 -3.89 -20.95 -4.49
CA LEU A 245 -2.71 -20.09 -4.72
C LEU A 245 -1.44 -20.85 -5.13
N GLY A 246 -1.46 -22.18 -5.08
CA GLY A 246 -0.25 -22.98 -5.27
C GLY A 246 0.76 -22.84 -4.15
N ALA A 247 0.29 -22.49 -2.95
CA ALA A 247 1.18 -22.23 -1.82
C ALA A 247 1.48 -23.53 -1.08
N LYS A 248 2.66 -23.59 -0.48
CA LYS A 248 3.11 -24.76 0.25
C LYS A 248 3.07 -24.48 1.74
N LYS A 249 2.54 -25.44 2.49
CA LYS A 249 2.39 -25.32 3.93
C LYS A 249 3.74 -25.57 4.59
N ARG A 250 4.07 -24.73 5.55
CA ARG A 250 5.18 -24.99 6.47
C ARG A 250 4.58 -25.02 7.87
N LEU A 251 5.43 -25.06 8.88
CA LEU A 251 4.97 -25.23 10.25
C LEU A 251 4.04 -24.11 10.72
N PHE A 252 4.48 -22.85 10.57
CA PHE A 252 3.73 -21.69 11.04
C PHE A 252 3.15 -20.81 9.94
N ASP A 253 3.42 -21.12 8.68
CA ASP A 253 3.03 -20.22 7.59
C ASP A 253 2.90 -20.96 6.28
N TYR A 254 2.51 -20.21 5.24
CA TYR A 254 2.50 -20.70 3.88
C TYR A 254 3.46 -19.85 3.05
N VAL A 255 4.05 -20.51 2.06
CA VAL A 255 5.00 -19.87 1.17
C VAL A 255 4.69 -20.19 -0.28
N VAL A 256 5.13 -19.30 -1.15
CA VAL A 256 5.18 -19.54 -2.57
C VAL A 256 6.61 -19.28 -2.98
N LYS A 257 6.98 -19.78 -4.14
CA LYS A 257 8.25 -19.42 -4.75
C LYS A 257 8.17 -17.94 -5.05
N CYS A 258 9.19 -17.19 -4.63
CA CYS A 258 9.15 -15.72 -4.70
C CYS A 258 8.88 -15.16 -6.10
N ASN A 259 9.40 -15.82 -7.14
CA ASN A 259 9.16 -15.41 -8.52
C ASN A 259 7.70 -15.48 -8.96
N GLU A 260 6.89 -16.29 -8.26
CA GLU A 260 5.47 -16.43 -8.54
C GLU A 260 4.60 -15.49 -7.72
N GLY A 261 5.18 -14.90 -6.67
CA GLY A 261 4.47 -13.97 -5.81
C GLY A 261 3.71 -12.85 -6.52
N PRO A 262 4.40 -12.05 -7.38
CA PRO A 262 3.75 -10.91 -8.03
C PRO A 262 2.52 -11.24 -8.87
N THR A 263 2.45 -12.44 -9.44
CA THR A 263 1.35 -12.86 -10.33
C THR A 263 0.31 -13.82 -9.69
N LEU A 264 0.35 -13.98 -8.37
CA LEU A 264 -0.72 -14.67 -7.62
C LEU A 264 -2.04 -13.90 -7.77
N PRO A 265 -3.18 -14.62 -7.76
CA PRO A 265 -4.47 -13.96 -7.96
C PRO A 265 -4.91 -13.08 -6.80
N ASP A 266 -5.86 -12.20 -7.09
CA ASP A 266 -6.51 -11.39 -6.05
C ASP A 266 -7.33 -12.27 -5.13
N ILE A 267 -7.45 -11.82 -3.89
CA ILE A 267 -8.33 -12.44 -2.90
C ILE A 267 -9.29 -11.37 -2.44
N SER A 268 -10.58 -11.68 -2.49
CA SER A 268 -11.63 -10.72 -2.20
C SER A 268 -12.50 -11.23 -1.07
N PHE A 269 -12.87 -10.31 -0.18
CA PHE A 269 -13.66 -10.60 1.00
C PHE A 269 -14.95 -9.81 0.88
N HIS A 270 -16.07 -10.54 0.79
CA HIS A 270 -17.38 -9.92 0.59
C HIS A 270 -17.95 -9.57 1.97
N LEU A 271 -17.90 -8.29 2.31
CA LEU A 271 -18.37 -7.78 3.61
C LEU A 271 -19.42 -6.70 3.36
N GLY A 272 -20.61 -6.89 3.93
CA GLY A 272 -21.74 -6.01 3.68
C GLY A 272 -22.02 -5.89 2.20
N GLY A 273 -22.18 -4.66 1.73
CA GLY A 273 -22.48 -4.43 0.31
C GLY A 273 -21.30 -4.57 -0.65
N LYS A 274 -20.07 -4.61 -0.12
CA LYS A 274 -18.86 -4.35 -0.89
C LYS A 274 -17.89 -5.52 -0.96
N GLU A 275 -17.10 -5.56 -2.02
CA GLU A 275 -15.99 -6.51 -2.12
C GLU A 275 -14.72 -5.78 -1.71
N TYR A 276 -13.98 -6.41 -0.79
CA TYR A 276 -12.72 -5.88 -0.30
C TYR A 276 -11.61 -6.76 -0.85
N THR A 277 -10.88 -6.23 -1.83
CA THR A 277 -9.97 -7.00 -2.64
C THR A 277 -8.52 -6.70 -2.30
N LEU A 278 -7.75 -7.76 -2.05
CA LEU A 278 -6.32 -7.69 -1.89
C LEU A 278 -5.66 -8.23 -3.14
N THR A 279 -4.67 -7.53 -3.67
CA THR A 279 -3.79 -8.08 -4.70
C THR A 279 -2.63 -8.80 -4.01
N SER A 280 -1.82 -9.51 -4.78
CA SER A 280 -0.68 -10.22 -4.22
C SER A 280 0.32 -9.30 -3.51
N ALA A 281 0.44 -8.05 -3.97
CA ALA A 281 1.28 -7.06 -3.30
C ALA A 281 0.82 -6.76 -1.87
N ASP A 282 -0.48 -6.92 -1.61
CA ASP A 282 -1.05 -6.74 -0.27
C ASP A 282 -0.90 -7.94 0.66
N TYR A 283 -0.69 -9.15 0.14
CA TYR A 283 -0.59 -10.34 0.99
C TYR A 283 0.70 -11.16 0.85
N VAL A 284 1.59 -10.81 -0.07
CA VAL A 284 2.88 -11.48 -0.20
C VAL A 284 3.97 -10.60 0.41
N PHE A 285 4.80 -11.19 1.27
CA PHE A 285 6.05 -10.56 1.70
C PHE A 285 7.09 -10.80 0.60
N GLN A 286 7.14 -9.89 -0.36
CA GLN A 286 8.07 -9.97 -1.51
C GLN A 286 9.47 -9.59 -1.10
N GLU A 287 10.18 -10.50 -0.43
CA GLU A 287 11.55 -10.22 0.00
C GLU A 287 12.57 -10.51 -1.10
N SER A 288 12.13 -11.17 -2.15
CA SER A 288 12.95 -11.48 -3.32
C SER A 288 12.05 -11.72 -4.52
N TYR A 289 12.63 -11.83 -5.71
CA TYR A 289 11.93 -12.29 -6.92
C TYR A 289 12.49 -13.63 -7.44
N SER A 290 13.32 -14.29 -6.64
CA SER A 290 14.00 -15.52 -7.06
C SER A 290 13.06 -16.74 -7.07
N SER A 291 13.21 -17.58 -8.09
CA SER A 291 12.53 -18.89 -8.11
C SER A 291 13.05 -19.86 -7.03
N LYS A 292 14.25 -19.60 -6.49
CA LYS A 292 14.88 -20.45 -5.47
C LYS A 292 14.75 -19.94 -4.04
N LYS A 293 14.04 -18.83 -3.84
CA LYS A 293 13.70 -18.36 -2.50
C LYS A 293 12.22 -18.55 -2.27
N LEU A 294 11.85 -18.67 -0.99
CA LEU A 294 10.46 -18.82 -0.58
C LEU A 294 9.99 -17.51 0.05
N CYS A 295 8.80 -17.08 -0.35
CA CYS A 295 8.22 -15.84 0.15
C CYS A 295 6.97 -16.18 0.96
N THR A 296 6.92 -15.70 2.20
CA THR A 296 5.81 -16.02 3.08
C THR A 296 4.58 -15.18 2.72
N LEU A 297 3.40 -15.73 3.01
CA LEU A 297 2.16 -15.04 2.77
C LEU A 297 1.62 -14.49 4.09
N ALA A 298 0.97 -13.33 3.99
CA ALA A 298 0.36 -12.68 5.15
C ALA A 298 -1.07 -13.18 5.41
N ILE A 299 -1.33 -14.45 5.07
CA ILE A 299 -2.57 -15.15 5.33
C ILE A 299 -2.20 -16.50 5.96
N HIS A 300 -2.77 -16.77 7.13
CA HIS A 300 -2.41 -17.92 7.97
C HIS A 300 -3.63 -18.77 8.29
N ALA A 301 -3.39 -20.00 8.73
CA ALA A 301 -4.43 -20.83 9.34
C ALA A 301 -4.50 -20.51 10.83
N MET A 302 -5.72 -20.34 11.34
CA MET A 302 -5.92 -20.12 12.78
C MET A 302 -7.31 -20.62 13.15
N ASP A 303 -7.37 -21.72 13.91
CA ASP A 303 -8.64 -22.27 14.35
C ASP A 303 -8.99 -21.62 15.69
N ILE A 304 -9.79 -20.56 15.62
CA ILE A 304 -10.25 -19.83 16.80
C ILE A 304 -11.42 -20.63 17.37
N PRO A 305 -11.38 -20.98 18.67
CA PRO A 305 -12.42 -21.87 19.21
C PRO A 305 -13.74 -21.15 19.48
N PRO A 306 -14.87 -21.90 19.54
CA PRO A 306 -16.16 -21.26 19.87
C PRO A 306 -16.19 -20.65 21.28
N PRO A 307 -17.14 -19.76 21.58
CA PRO A 307 -18.23 -19.35 20.68
C PRO A 307 -17.86 -18.33 19.58
N THR A 308 -16.69 -17.71 19.67
CA THR A 308 -16.25 -16.72 18.67
C THR A 308 -15.99 -17.35 17.31
N GLY A 309 -15.29 -18.48 17.30
CA GLY A 309 -15.03 -19.23 16.08
C GLY A 309 -15.94 -20.46 15.94
N PRO A 310 -15.79 -21.23 14.86
CA PRO A 310 -14.83 -20.99 13.77
C PRO A 310 -15.06 -19.65 13.07
N THR A 311 -13.97 -18.90 12.84
CA THR A 311 -14.07 -17.59 12.20
C THR A 311 -12.81 -17.20 11.46
N TRP A 312 -12.98 -16.40 10.42
CA TRP A 312 -11.86 -15.69 9.81
C TRP A 312 -11.49 -14.55 10.75
N ALA A 313 -10.24 -14.11 10.68
CA ALA A 313 -9.80 -12.90 11.36
C ALA A 313 -9.17 -11.99 10.32
N LEU A 314 -9.63 -10.74 10.28
CA LEU A 314 -9.07 -9.73 9.39
C LEU A 314 -8.13 -8.86 10.23
N GLY A 315 -6.84 -9.16 10.11
CA GLY A 315 -5.79 -8.50 10.86
C GLY A 315 -5.08 -7.42 10.06
N ALA A 316 -3.83 -7.17 10.41
CA ALA A 316 -3.09 -6.05 9.84
C ALA A 316 -3.00 -6.11 8.31
N THR A 317 -2.93 -7.32 7.76
CA THR A 317 -2.93 -7.49 6.32
C THR A 317 -4.13 -6.79 5.66
N PHE A 318 -5.31 -6.95 6.26
CA PHE A 318 -6.52 -6.30 5.78
C PHE A 318 -6.57 -4.80 6.10
N ILE A 319 -6.24 -4.46 7.35
CA ILE A 319 -6.37 -3.11 7.86
C ILE A 319 -5.39 -2.15 7.18
N ARG A 320 -4.22 -2.64 6.77
CA ARG A 320 -3.30 -1.83 5.97
C ARG A 320 -3.95 -1.25 4.72
N LYS A 321 -4.81 -2.04 4.08
CA LYS A 321 -5.50 -1.58 2.89
C LYS A 321 -6.77 -0.80 3.20
N PHE A 322 -7.45 -1.19 4.27
CA PHE A 322 -8.73 -0.59 4.61
C PHE A 322 -8.72 -0.01 6.02
N TYR A 323 -8.69 1.33 6.06
CA TYR A 323 -8.88 2.11 7.27
C TYR A 323 -10.16 1.65 7.95
N THR A 324 -10.09 1.35 9.25
CA THR A 324 -11.18 0.70 9.97
C THR A 324 -11.67 1.55 11.13
N GLU A 325 -12.97 1.81 11.17
CA GLU A 325 -13.61 2.48 12.29
C GLU A 325 -14.44 1.46 13.05
N PHE A 326 -14.25 1.41 14.36
CA PHE A 326 -15.01 0.54 15.23
C PHE A 326 -16.01 1.41 15.97
N ASP A 327 -17.30 1.20 15.68
CA ASP A 327 -18.36 2.07 16.13
C ASP A 327 -19.13 1.37 17.26
N ARG A 328 -18.87 1.78 18.49
CA ARG A 328 -19.54 1.21 19.66
C ARG A 328 -20.98 1.70 19.83
N ARG A 329 -21.26 2.94 19.43
CA ARG A 329 -22.62 3.49 19.56
C ARG A 329 -23.63 2.72 18.72
N ASN A 330 -23.25 2.41 17.48
CA ASN A 330 -24.13 1.72 16.54
C ASN A 330 -23.78 0.25 16.31
N ASN A 331 -22.86 -0.30 17.12
CA ASN A 331 -22.44 -1.69 17.00
C ASN A 331 -22.19 -2.09 15.55
N ARG A 332 -21.23 -1.40 14.94
CA ARG A 332 -20.87 -1.63 13.55
C ARG A 332 -19.39 -1.34 13.34
N ILE A 333 -18.89 -1.81 12.21
CA ILE A 333 -17.54 -1.58 11.77
C ILE A 333 -17.64 -0.92 10.41
N GLY A 334 -16.87 0.15 10.23
CA GLY A 334 -16.80 0.86 8.96
C GLY A 334 -15.44 0.64 8.33
N PHE A 335 -15.41 0.37 7.03
CA PHE A 335 -14.16 0.29 6.27
C PHE A 335 -14.11 1.38 5.21
N ALA A 336 -12.92 1.94 5.01
CA ALA A 336 -12.69 2.87 3.90
C ALA A 336 -11.28 2.64 3.38
N LEU A 337 -11.05 3.02 2.12
CA LEU A 337 -9.75 2.82 1.47
C LEU A 337 -8.71 3.69 2.20
N ALA A 338 -7.69 3.05 2.77
CA ALA A 338 -6.61 3.78 3.44
C ALA A 338 -5.73 4.54 2.43
N ARG A 339 -5.19 5.67 2.87
CA ARG A 339 -4.18 6.42 2.10
C ARG A 339 -2.95 6.76 2.99
N THR B 1 -13.96 23.88 -13.04
CA THR B 1 -14.53 23.86 -11.66
C THR B 1 -13.63 23.09 -10.71
N LEU B 2 -13.38 23.66 -9.53
CA LEU B 2 -12.47 23.11 -8.52
C LEU B 2 -13.24 22.80 -7.23
N GLY B 3 -13.01 21.61 -6.67
CA GLY B 3 -13.58 21.20 -5.40
C GLY B 3 -12.54 21.29 -4.31
N ASN B 4 -12.59 20.35 -3.37
CA ASN B 4 -11.68 20.34 -2.22
C ASN B 4 -11.12 18.94 -1.89
N THR B 5 -11.12 18.04 -2.87
CA THR B 5 -10.63 16.69 -2.63
C THR B 5 -9.37 16.38 -3.44
N THR B 6 -8.61 15.42 -2.91
CA THR B 6 -7.61 14.71 -3.66
C THR B 6 -7.94 13.24 -3.57
N SER B 7 -7.39 12.48 -4.49
CA SER B 7 -7.53 11.04 -4.48
C SER B 7 -6.17 10.42 -4.74
N SER B 8 -5.74 9.54 -3.84
CA SER B 8 -4.46 8.89 -4.00
C SER B 8 -4.60 7.40 -4.33
N VAL B 9 -3.64 6.90 -5.12
CA VAL B 9 -3.59 5.49 -5.50
C VAL B 9 -2.20 4.98 -5.11
N ILE B 10 -2.17 3.98 -4.25
CA ILE B 10 -0.91 3.33 -3.85
C ILE B 10 -0.43 2.45 -4.98
N LEU B 11 0.86 2.56 -5.28
CA LEU B 11 1.48 1.80 -6.35
C LEU B 11 2.38 0.72 -5.82
N THR B 12 2.39 -0.38 -6.55
CA THR B 12 3.32 -1.47 -6.35
C THR B 12 4.53 -1.17 -7.24
N ASN B 13 5.72 -1.31 -6.67
CA ASN B 13 6.97 -1.19 -7.41
C ASN B 13 7.46 -2.59 -7.70
N TYR B 14 7.38 -2.99 -8.96
CA TYR B 14 7.97 -4.24 -9.41
C TYR B 14 9.34 -3.96 -10.03
N MET B 15 10.39 -4.35 -9.31
CA MET B 15 11.75 -4.39 -9.82
C MET B 15 12.30 -3.04 -10.33
N ASP B 16 11.77 -1.94 -9.81
CA ASP B 16 12.13 -0.60 -10.32
C ASP B 16 11.75 -0.32 -11.78
N THR B 17 11.02 -1.24 -12.43
CA THR B 17 10.66 -1.07 -13.85
C THR B 17 9.16 -0.92 -14.12
N GLN B 18 8.32 -1.44 -13.23
CA GLN B 18 6.88 -1.32 -13.40
C GLN B 18 6.29 -0.79 -12.11
N TYR B 19 5.50 0.27 -12.25
CA TYR B 19 4.79 0.90 -11.14
C TYR B 19 3.33 0.90 -11.50
N TYR B 20 2.53 0.19 -10.74
CA TYR B 20 1.12 0.03 -11.04
C TYR B 20 0.27 0.03 -9.79
N GLY B 21 -0.97 0.48 -9.96
CA GLY B 21 -1.93 0.59 -8.86
C GLY B 21 -3.23 -0.01 -9.33
N GLU B 22 -4.23 0.04 -8.46
CA GLU B 22 -5.48 -0.63 -8.73
C GLU B 22 -6.53 0.39 -9.15
N ILE B 23 -7.37 -0.02 -10.09
CA ILE B 23 -8.64 0.66 -10.36
C ILE B 23 -9.71 -0.41 -10.33
N GLY B 24 -10.95 0.01 -10.06
CA GLY B 24 -12.11 -0.87 -10.18
C GLY B 24 -12.86 -0.46 -11.43
N ILE B 25 -13.33 -1.44 -12.21
CA ILE B 25 -14.20 -1.16 -13.35
C ILE B 25 -15.50 -1.93 -13.15
N GLY B 26 -16.62 -1.21 -13.25
CA GLY B 26 -17.94 -1.82 -13.22
C GLY B 26 -18.63 -1.82 -11.87
N THR B 27 -19.86 -2.34 -11.88
CA THR B 27 -20.69 -2.48 -10.69
C THR B 27 -21.11 -3.95 -10.57
N PRO B 28 -20.59 -4.73 -9.61
CA PRO B 28 -19.55 -4.31 -8.66
C PRO B 28 -18.17 -4.17 -9.30
N PRO B 29 -17.26 -3.37 -8.68
CA PRO B 29 -15.93 -3.16 -9.27
C PRO B 29 -15.13 -4.44 -9.45
N GLN B 30 -14.66 -4.65 -10.69
CA GLN B 30 -13.64 -5.64 -11.00
C GLN B 30 -12.31 -4.93 -10.95
N THR B 31 -11.39 -5.45 -10.12
CA THR B 31 -10.14 -4.77 -9.82
C THR B 31 -9.06 -5.14 -10.83
N PHE B 32 -8.36 -4.12 -11.34
CA PHE B 32 -7.26 -4.32 -12.28
C PHE B 32 -6.04 -3.59 -11.81
N LYS B 33 -4.87 -4.19 -12.06
CA LYS B 33 -3.62 -3.50 -11.85
C LYS B 33 -3.31 -2.72 -13.12
N VAL B 34 -3.03 -1.43 -12.98
CA VAL B 34 -2.75 -0.59 -14.16
C VAL B 34 -1.55 0.30 -13.96
N VAL B 35 -0.81 0.52 -15.05
CA VAL B 35 0.21 1.55 -15.09
C VAL B 35 -0.51 2.87 -15.38
N PHE B 36 -0.15 3.91 -14.64
CA PHE B 36 -0.67 5.23 -14.91
C PHE B 36 0.38 5.94 -15.75
N ASP B 37 0.05 6.19 -17.01
CA ASP B 37 1.02 6.49 -18.04
C ASP B 37 0.79 7.86 -18.67
N THR B 38 1.62 8.85 -18.31
CA THR B 38 1.57 10.16 -18.96
C THR B 38 1.97 10.17 -20.44
N GLY B 39 2.58 9.08 -20.94
CA GLY B 39 2.91 8.94 -22.35
C GLY B 39 1.78 8.58 -23.28
N SER B 40 0.60 8.26 -22.75
CA SER B 40 -0.57 7.91 -23.57
C SER B 40 -1.82 8.39 -22.90
N SER B 41 -2.95 8.30 -23.61
CA SER B 41 -4.17 8.97 -23.17
C SER B 41 -5.42 8.10 -23.09
N ASN B 42 -5.30 6.79 -23.34
CA ASN B 42 -6.43 5.87 -23.29
C ASN B 42 -6.38 5.00 -22.06
N VAL B 43 -7.56 4.57 -21.61
CA VAL B 43 -7.67 3.55 -20.59
C VAL B 43 -7.92 2.26 -21.33
N TRP B 44 -7.16 1.22 -21.02
CA TRP B 44 -7.48 -0.11 -21.49
C TRP B 44 -7.18 -1.19 -20.45
N VAL B 45 -8.01 -2.24 -20.46
CA VAL B 45 -7.78 -3.45 -19.68
C VAL B 45 -8.00 -4.65 -20.59
N PRO B 46 -7.48 -5.83 -20.21
CA PRO B 46 -7.80 -7.03 -20.99
C PRO B 46 -9.29 -7.38 -20.90
N SER B 47 -9.85 -7.88 -22.00
CA SER B 47 -11.25 -8.29 -22.08
C SER B 47 -11.44 -9.76 -21.75
N SER B 48 -12.59 -10.10 -21.17
CA SER B 48 -13.00 -11.51 -21.02
C SER B 48 -13.14 -12.21 -22.38
N LYS B 49 -13.29 -11.42 -23.44
CA LYS B 49 -13.33 -11.94 -24.81
C LYS B 49 -11.95 -12.08 -25.46
N CYS B 50 -10.87 -11.80 -24.72
CA CYS B 50 -9.51 -12.13 -25.16
C CYS B 50 -9.32 -13.64 -25.15
N SER B 51 -8.84 -14.18 -26.27
CA SER B 51 -8.57 -15.61 -26.37
C SER B 51 -7.56 -16.06 -25.32
N ARG B 52 -7.85 -17.22 -24.72
CA ARG B 52 -6.92 -17.87 -23.78
C ARG B 52 -5.72 -18.52 -24.48
N LEU B 53 -5.70 -18.53 -25.82
CA LEU B 53 -4.51 -18.89 -26.59
C LEU B 53 -3.41 -17.83 -26.50
N TYR B 54 -3.78 -16.60 -26.10
CA TYR B 54 -2.81 -15.62 -25.63
C TYR B 54 -2.51 -15.94 -24.17
N THR B 55 -1.29 -16.43 -23.90
CA THR B 55 -0.83 -16.69 -22.54
C THR B 55 -1.05 -15.48 -21.62
N ALA B 56 -0.89 -14.27 -22.16
CA ALA B 56 -1.20 -13.03 -21.41
C ALA B 56 -2.62 -12.97 -20.84
N CYS B 57 -3.59 -13.53 -21.58
CA CYS B 57 -4.98 -13.52 -21.14
C CYS B 57 -5.36 -14.71 -20.25
N VAL B 58 -4.42 -15.62 -20.00
CA VAL B 58 -4.52 -16.59 -18.91
C VAL B 58 -4.00 -15.95 -17.62
N TYR B 59 -2.84 -15.29 -17.71
CA TYR B 59 -2.13 -14.78 -16.52
C TYR B 59 -2.52 -13.37 -16.07
N HIS B 60 -3.37 -12.66 -16.84
CA HIS B 60 -3.90 -11.37 -16.41
C HIS B 60 -5.38 -11.43 -16.11
N LYS B 61 -5.81 -10.47 -15.28
CA LYS B 61 -7.21 -10.27 -14.97
C LYS B 61 -7.95 -9.76 -16.20
N LEU B 62 -9.10 -10.35 -16.49
CA LEU B 62 -9.91 -9.98 -17.65
C LEU B 62 -11.20 -9.30 -17.22
N PHE B 63 -11.59 -8.24 -17.94
CA PHE B 63 -12.85 -7.56 -17.67
C PHE B 63 -14.02 -8.33 -18.26
N ASP B 64 -14.94 -8.74 -17.38
CA ASP B 64 -16.17 -9.43 -17.78
C ASP B 64 -17.32 -8.42 -17.74
N ALA B 65 -17.70 -7.95 -18.93
CA ALA B 65 -18.71 -6.89 -19.06
C ALA B 65 -20.10 -7.35 -18.60
N SER B 66 -20.42 -8.63 -18.83
CA SER B 66 -21.72 -9.18 -18.41
C SER B 66 -21.89 -9.25 -16.87
N ASP B 67 -20.79 -9.17 -16.12
CA ASP B 67 -20.85 -9.09 -14.65
C ASP B 67 -21.03 -7.68 -14.08
N SER B 68 -21.01 -6.65 -14.94
CA SER B 68 -21.21 -5.26 -14.50
C SER B 68 -22.59 -4.78 -14.93
N SER B 69 -23.36 -4.27 -13.98
CA SER B 69 -24.70 -3.73 -14.26
C SER B 69 -24.64 -2.32 -14.88
N SER B 70 -23.56 -1.59 -14.60
CA SER B 70 -23.33 -0.25 -15.16
C SER B 70 -22.56 -0.24 -16.50
N TYR B 71 -22.21 -1.41 -17.02
CA TYR B 71 -21.61 -1.52 -18.35
C TYR B 71 -22.57 -1.04 -19.44
N LYS B 72 -22.07 -0.15 -20.31
CA LYS B 72 -22.77 0.27 -21.52
C LYS B 72 -21.90 -0.10 -22.73
N HIS B 73 -22.49 -0.90 -23.62
CA HIS B 73 -21.85 -1.33 -24.87
C HIS B 73 -21.48 -0.13 -25.75
N ASN B 74 -20.39 -0.27 -26.50
CA ASN B 74 -20.08 0.64 -27.61
C ASN B 74 -19.63 -0.19 -28.82
N GLY B 75 -18.52 -0.90 -28.68
CA GLY B 75 -18.05 -1.85 -29.71
C GLY B 75 -17.05 -1.33 -30.74
N THR B 76 -16.85 0.00 -30.79
CA THR B 76 -15.95 0.61 -31.77
C THR B 76 -14.52 0.06 -31.63
N GLU B 77 -13.96 -0.41 -32.75
CA GLU B 77 -12.59 -0.94 -32.77
C GLU B 77 -11.59 0.16 -32.51
N LEU B 78 -10.52 -0.17 -31.81
CA LEU B 78 -9.39 0.74 -31.63
C LEU B 78 -8.09 -0.04 -31.53
N THR B 79 -7.01 0.58 -32.01
CA THR B 79 -5.69 -0.02 -31.99
C THR B 79 -4.79 0.92 -31.22
N LEU B 80 -4.14 0.38 -30.18
CA LEU B 80 -3.20 1.14 -29.38
C LEU B 80 -1.81 0.55 -29.64
N ARG B 81 -1.10 1.13 -30.62
CA ARG B 81 0.24 0.68 -31.03
C ARG B 81 1.30 1.33 -30.15
N TYR B 82 1.98 0.52 -29.34
CA TYR B 82 2.81 0.99 -28.22
C TYR B 82 4.32 0.83 -28.45
N SER B 83 5.09 1.39 -27.52
CA SER B 83 6.54 1.25 -27.48
C SER B 83 6.94 -0.10 -26.89
N GLY B 85 4.92 -3.17 -28.03
CA GLY B 85 4.01 -3.89 -28.93
C GLY B 85 2.59 -3.39 -28.86
N THR B 86 1.82 -3.73 -29.89
CA THR B 86 0.45 -3.20 -30.09
C THR B 86 -0.62 -4.01 -29.37
N VAL B 87 -1.72 -3.34 -29.01
CA VAL B 87 -2.98 -3.99 -28.63
C VAL B 87 -4.15 -3.45 -29.44
N SER B 88 -4.98 -4.37 -29.90
CA SER B 88 -6.25 -4.03 -30.50
C SER B 88 -7.36 -4.49 -29.57
N GLY B 89 -8.54 -3.90 -29.73
CA GLY B 89 -9.67 -4.23 -28.89
C GLY B 89 -10.90 -3.47 -29.30
N PHE B 90 -11.82 -3.27 -28.36
CA PHE B 90 -13.03 -2.50 -28.61
C PHE B 90 -13.35 -1.60 -27.44
N LEU B 91 -14.11 -0.56 -27.74
CA LEU B 91 -14.40 0.51 -26.81
C LEU B 91 -15.62 0.13 -26.00
N SER B 92 -15.56 0.38 -24.69
CA SER B 92 -16.66 0.08 -23.76
C SER B 92 -16.78 1.21 -22.76
N GLN B 93 -17.98 1.33 -22.18
CA GLN B 93 -18.23 2.31 -21.12
C GLN B 93 -18.57 1.65 -19.80
N ASP B 94 -18.00 2.17 -18.73
CA ASP B 94 -18.40 1.75 -17.39
C ASP B 94 -17.92 2.74 -16.34
N ILE B 95 -18.31 2.50 -15.09
CA ILE B 95 -17.87 3.30 -13.96
C ILE B 95 -16.51 2.76 -13.52
N ILE B 96 -15.53 3.67 -13.44
CA ILE B 96 -14.17 3.35 -12.99
C ILE B 96 -13.94 4.03 -11.66
N THR B 97 -13.40 3.28 -10.70
CA THR B 97 -13.11 3.77 -9.37
C THR B 97 -11.60 3.91 -9.28
N VAL B 98 -11.12 5.14 -9.04
CA VAL B 98 -9.70 5.44 -8.88
C VAL B 98 -9.55 6.12 -7.52
N GLY B 99 -8.93 5.41 -6.58
CA GLY B 99 -8.82 5.88 -5.20
C GLY B 99 -10.19 6.14 -4.61
N GLY B 100 -10.44 7.37 -4.18
CA GLY B 100 -11.77 7.75 -3.66
C GLY B 100 -12.81 8.22 -4.68
N ILE B 101 -12.46 8.21 -5.97
CA ILE B 101 -13.31 8.81 -7.02
C ILE B 101 -13.87 7.74 -7.95
N THR B 102 -15.15 7.89 -8.30
CA THR B 102 -15.79 7.09 -9.34
C THR B 102 -16.09 7.99 -10.54
N VAL B 103 -15.75 7.52 -11.73
CA VAL B 103 -15.96 8.29 -12.96
C VAL B 103 -16.48 7.37 -14.07
N THR B 104 -17.50 7.83 -14.78
CA THR B 104 -18.00 7.14 -15.97
C THR B 104 -16.96 7.36 -17.07
N GLN B 105 -16.40 6.27 -17.57
CA GLN B 105 -15.26 6.34 -18.46
C GLN B 105 -15.42 5.40 -19.63
N MET B 106 -15.03 5.90 -20.81
CA MET B 106 -14.88 5.09 -22.00
C MET B 106 -13.47 4.50 -21.96
N PHE B 107 -13.37 3.20 -22.15
CA PHE B 107 -12.08 2.50 -22.12
C PHE B 107 -12.03 1.39 -23.16
N GLY B 108 -10.82 0.95 -23.47
CA GLY B 108 -10.59 -0.18 -24.36
C GLY B 108 -10.65 -1.52 -23.65
N GLU B 109 -11.42 -2.45 -24.21
CA GLU B 109 -11.38 -3.86 -23.82
C GLU B 109 -10.47 -4.54 -24.83
N VAL B 110 -9.30 -4.99 -24.38
CA VAL B 110 -8.29 -5.55 -25.28
C VAL B 110 -8.49 -7.06 -25.43
N THR B 111 -8.60 -7.49 -26.68
CA THR B 111 -8.83 -8.89 -27.04
C THR B 111 -7.59 -9.56 -27.66
N GLU B 112 -6.53 -8.79 -27.87
CA GLU B 112 -5.30 -9.25 -28.51
C GLU B 112 -4.07 -8.83 -27.69
N MET B 113 -3.46 -9.80 -27.01
CA MET B 113 -2.34 -9.55 -26.09
C MET B 113 -1.18 -10.50 -26.37
N PRO B 114 -0.32 -10.17 -27.36
CA PRO B 114 0.80 -11.08 -27.67
C PRO B 114 1.83 -11.16 -26.52
N ALA B 115 2.39 -12.35 -26.34
CA ALA B 115 3.29 -12.65 -25.21
C ALA B 115 4.45 -11.67 -25.09
N LEU B 116 5.02 -11.30 -26.24
CA LEU B 116 5.92 -10.16 -26.32
C LEU B 116 5.01 -9.03 -26.83
N PRO B 117 4.75 -7.98 -26.03
CA PRO B 117 5.38 -7.69 -24.73
C PRO B 117 4.59 -8.10 -23.48
N PHE B 118 3.35 -8.57 -23.59
CA PHE B 118 2.44 -8.54 -22.43
C PHE B 118 2.63 -9.59 -21.34
N MET B 119 3.47 -10.59 -21.61
CA MET B 119 3.98 -11.46 -20.55
C MET B 119 5.17 -10.85 -19.79
N LEU B 120 5.67 -9.68 -20.21
CA LEU B 120 6.57 -8.89 -19.36
C LEU B 120 5.80 -8.12 -18.30
N ALA B 121 4.52 -7.85 -18.56
CA ALA B 121 3.72 -7.01 -17.71
C ALA B 121 3.27 -7.76 -16.46
N GLU B 122 3.54 -7.22 -15.29
CA GLU B 122 2.91 -7.70 -14.05
C GLU B 122 1.53 -7.09 -13.90
N PHE B 123 1.29 -6.01 -14.63
CA PHE B 123 0.06 -5.26 -14.54
C PHE B 123 -0.88 -5.76 -15.60
N ASP B 124 -2.15 -5.43 -15.47
CA ASP B 124 -3.17 -5.86 -16.42
C ASP B 124 -3.34 -4.88 -17.54
N GLY B 125 -3.42 -3.59 -17.20
CA GLY B 125 -3.82 -2.56 -18.15
C GLY B 125 -3.10 -1.25 -17.97
N VAL B 126 -3.61 -0.24 -18.66
CA VAL B 126 -3.00 1.07 -18.64
C VAL B 126 -4.08 2.13 -18.48
N VAL B 127 -3.79 3.11 -17.63
CA VAL B 127 -4.57 4.32 -17.49
C VAL B 127 -3.73 5.47 -18.05
N GLY B 128 -4.13 5.95 -19.22
CA GLY B 128 -3.43 7.04 -19.90
C GLY B 128 -3.71 8.34 -19.19
N MET B 129 -2.63 9.04 -18.82
CA MET B 129 -2.71 10.32 -18.13
C MET B 129 -2.32 11.48 -19.05
N GLY B 130 -2.19 11.19 -20.35
CA GLY B 130 -1.90 12.19 -21.34
C GLY B 130 -3.14 12.95 -21.75
N PHE B 131 -2.98 13.78 -22.77
CA PHE B 131 -4.01 14.71 -23.22
C PHE B 131 -4.90 14.05 -24.26
N ILE B 132 -6.13 14.53 -24.37
CA ILE B 132 -7.08 14.05 -25.39
C ILE B 132 -6.51 14.11 -26.82
N GLU B 133 -5.64 15.09 -27.11
CA GLU B 133 -4.97 15.20 -28.42
C GLU B 133 -4.30 13.91 -28.88
N GLN B 134 -3.77 13.12 -27.94
CA GLN B 134 -3.14 11.83 -28.27
C GLN B 134 -4.00 10.59 -27.96
N ALA B 135 -5.27 10.81 -27.59
CA ALA B 135 -6.19 9.72 -27.32
C ALA B 135 -6.63 9.09 -28.62
N ILE B 136 -6.48 7.78 -28.73
CA ILE B 136 -6.93 7.05 -29.92
C ILE B 136 -8.46 6.94 -29.88
N GLY B 137 -9.07 7.15 -31.06
CA GLY B 137 -10.51 7.32 -31.18
C GLY B 137 -11.06 8.61 -30.56
N ARG B 138 -10.18 9.57 -30.26
CA ARG B 138 -10.57 10.81 -29.55
C ARG B 138 -11.46 10.57 -28.31
N VAL B 139 -11.14 9.51 -27.57
CA VAL B 139 -11.88 9.17 -26.36
C VAL B 139 -11.40 10.14 -25.27
N THR B 140 -12.34 10.71 -24.51
CA THR B 140 -11.98 11.64 -23.43
C THR B 140 -11.17 10.91 -22.35
N PRO B 141 -9.92 11.34 -22.11
CA PRO B 141 -9.11 10.67 -21.07
C PRO B 141 -9.76 10.75 -19.69
N ILE B 142 -9.36 9.82 -18.83
CA ILE B 142 -9.98 9.72 -17.49
C ILE B 142 -9.79 10.97 -16.63
N PHE B 143 -8.59 11.57 -16.67
CA PHE B 143 -8.35 12.76 -15.84
C PHE B 143 -9.23 13.92 -16.30
N ASP B 144 -9.43 14.06 -17.60
CA ASP B 144 -10.35 15.08 -18.13
C ASP B 144 -11.78 14.89 -17.60
N ASN B 145 -12.26 13.63 -17.61
CA ASN B 145 -13.58 13.33 -17.03
C ASN B 145 -13.66 13.58 -15.53
N ILE B 146 -12.60 13.25 -14.80
CA ILE B 146 -12.58 13.48 -13.35
C ILE B 146 -12.61 14.98 -13.05
N ILE B 147 -11.83 15.75 -13.81
CA ILE B 147 -11.82 17.21 -13.66
C ILE B 147 -13.18 17.83 -13.98
N SER B 148 -13.90 17.30 -14.97
CA SER B 148 -15.29 17.74 -15.24
C SER B 148 -16.22 17.60 -14.04
N GLN B 149 -15.93 16.65 -13.14
CA GLN B 149 -16.73 16.50 -11.92
C GLN B 149 -16.59 17.68 -10.96
N GLY B 150 -15.46 18.38 -11.04
CA GLY B 150 -15.22 19.56 -10.20
C GLY B 150 -15.09 19.22 -8.72
N VAL B 151 -14.50 18.07 -8.44
CA VAL B 151 -14.25 17.65 -7.06
C VAL B 151 -12.78 17.81 -6.67
N LEU B 152 -11.87 17.74 -7.63
CA LEU B 152 -10.44 17.85 -7.34
C LEU B 152 -10.05 19.27 -6.91
N LYS B 153 -9.18 19.34 -5.90
CA LYS B 153 -8.71 20.59 -5.33
C LYS B 153 -7.93 21.43 -6.34
N GLU B 154 -7.09 20.79 -7.15
CA GLU B 154 -6.37 21.47 -8.23
C GLU B 154 -6.37 20.59 -9.46
N ASP B 155 -6.19 21.22 -10.61
CA ASP B 155 -6.16 20.51 -11.89
C ASP B 155 -4.74 20.00 -12.16
N VAL B 156 -4.27 19.16 -11.26
CA VAL B 156 -2.93 18.60 -11.30
C VAL B 156 -2.99 17.15 -10.81
N PHE B 157 -1.97 16.39 -11.16
CA PHE B 157 -1.75 15.10 -10.53
C PHE B 157 -0.27 14.81 -10.40
N SER B 158 0.07 14.04 -9.37
CA SER B 158 1.45 13.89 -8.95
C SER B 158 1.85 12.44 -8.83
N PHE B 159 3.12 12.16 -9.12
CA PHE B 159 3.70 10.82 -9.08
C PHE B 159 4.86 10.75 -8.13
N TYR B 160 4.80 9.77 -7.24
CA TYR B 160 5.91 9.35 -6.41
C TYR B 160 6.25 7.91 -6.77
N TYR B 161 7.49 7.67 -7.18
CA TYR B 161 8.00 6.31 -7.39
C TYR B 161 9.11 6.04 -6.39
N ASN B 162 8.92 5.04 -5.55
CA ASN B 162 9.93 4.67 -4.57
C ASN B 162 11.01 3.81 -5.24
N ARG B 163 12.16 3.73 -4.58
CA ARG B 163 13.25 2.82 -4.91
C ARG B 163 12.93 1.43 -4.34
N ASP B 164 13.23 0.39 -5.10
CA ASP B 164 12.90 -0.98 -4.72
CA ASP B 164 12.90 -0.99 -4.72
C ASP B 164 13.79 -1.48 -3.57
N SER B 165 13.20 -2.27 -2.68
CA SER B 165 13.93 -2.84 -1.54
C SER B 165 13.18 -4.06 -1.01
N SER B 168 10.48 -4.39 0.10
CA SER B 168 10.62 -4.76 1.51
C SER B 168 9.38 -4.30 2.30
N GLN B 169 8.21 -4.54 1.72
CA GLN B 169 6.93 -4.11 2.30
C GLN B 169 6.71 -2.60 2.27
N SER B 170 7.66 -1.82 1.76
CA SER B 170 7.52 -0.37 1.74
C SER B 170 6.62 0.06 0.59
N LEU B 171 6.14 1.29 0.68
CA LEU B 171 5.34 1.88 -0.37
C LEU B 171 6.10 1.84 -1.70
N GLY B 172 5.53 1.18 -2.70
CA GLY B 172 6.11 1.15 -4.04
C GLY B 172 6.08 2.51 -4.74
N GLY B 173 5.01 3.24 -4.51
CA GLY B 173 4.82 4.54 -5.09
C GLY B 173 3.43 5.09 -4.77
N GLN B 174 3.14 6.27 -5.29
CA GLN B 174 1.86 6.92 -5.00
C GLN B 174 1.52 7.95 -6.08
N ILE B 175 0.31 7.86 -6.60
CA ILE B 175 -0.26 8.93 -7.43
C ILE B 175 -1.28 9.66 -6.62
N VAL B 176 -1.24 10.99 -6.69
CA VAL B 176 -2.25 11.84 -6.08
C VAL B 176 -2.95 12.57 -7.21
N LEU B 177 -4.25 12.36 -7.33
CA LEU B 177 -5.09 13.15 -8.23
C LEU B 177 -5.58 14.38 -7.47
N GLY B 178 -5.34 15.56 -8.02
CA GLY B 178 -5.84 16.80 -7.44
C GLY B 178 -4.87 17.54 -6.53
N GLY B 179 -3.67 17.01 -6.38
CA GLY B 179 -2.64 17.69 -5.62
C GLY B 179 -1.36 16.90 -5.56
N SER B 180 -0.63 17.06 -4.47
CA SER B 180 0.61 16.36 -4.25
C SER B 180 0.69 15.98 -2.79
N ASP B 181 1.66 15.13 -2.45
CA ASP B 181 1.82 14.66 -1.09
C ASP B 181 3.20 15.08 -0.62
N PRO B 182 3.28 16.14 0.21
CA PRO B 182 4.57 16.63 0.75
C PRO B 182 5.37 15.63 1.60
N GLN B 183 4.74 14.57 2.09
CA GLN B 183 5.48 13.46 2.73
C GLN B 183 6.49 12.80 1.79
N HIS B 184 6.24 12.88 0.48
CA HIS B 184 7.11 12.23 -0.50
C HIS B 184 8.02 13.13 -1.34
N TYR B 185 8.14 14.40 -0.96
CA TYR B 185 9.16 15.27 -1.55
C TYR B 185 9.69 16.31 -0.58
N GLU B 186 10.82 16.91 -0.97
CA GLU B 186 11.50 17.90 -0.15
C GLU B 186 11.47 19.24 -0.82
N GLY B 187 11.34 20.29 -0.01
CA GLY B 187 11.33 21.65 -0.51
C GLY B 187 10.15 21.94 -1.41
N ASN B 188 10.37 22.78 -2.41
CA ASN B 188 9.29 23.29 -3.23
C ASN B 188 9.47 22.91 -4.68
N PHE B 189 8.36 22.79 -5.38
CA PHE B 189 8.37 22.54 -6.80
C PHE B 189 9.01 23.70 -7.55
N HIS B 190 9.81 23.37 -8.55
CA HIS B 190 10.13 24.27 -9.63
C HIS B 190 9.52 23.62 -10.87
N TYR B 191 8.92 24.44 -11.70
CA TYR B 191 8.15 23.98 -12.85
C TYR B 191 8.81 24.32 -14.18
N ILE B 192 8.56 23.47 -15.16
CA ILE B 192 8.95 23.72 -16.55
C ILE B 192 7.68 23.66 -17.39
N ASN B 193 7.48 24.69 -18.20
CA ASN B 193 6.31 24.78 -19.04
C ASN B 193 6.41 23.79 -20.20
N LEU B 194 5.27 23.25 -20.62
CA LEU B 194 5.23 22.39 -21.79
C LEU B 194 5.55 23.23 -23.01
N ILE B 195 6.18 22.59 -24.00
CA ILE B 195 6.45 23.23 -25.27
C ILE B 195 5.11 23.57 -25.92
N LYS B 196 4.19 22.62 -25.88
CA LYS B 196 2.82 22.85 -26.34
C LYS B 196 1.86 21.96 -25.58
N THR B 197 0.59 22.36 -25.60
CA THR B 197 -0.43 21.53 -25.02
C THR B 197 -0.56 20.23 -25.84
N GLY B 198 -1.03 19.18 -25.20
CA GLY B 198 -1.33 17.93 -25.89
C GLY B 198 -0.34 16.80 -25.62
N VAL B 199 0.80 17.11 -25.02
CA VAL B 199 1.82 16.11 -24.75
C VAL B 199 2.68 16.58 -23.57
N TRP B 200 2.96 15.66 -22.65
CA TRP B 200 3.75 15.99 -21.46
C TRP B 200 5.24 16.02 -21.79
N GLN B 201 5.62 17.03 -22.56
CA GLN B 201 6.94 17.15 -23.13
C GLN B 201 7.44 18.58 -22.93
N ILE B 202 8.67 18.69 -22.47
CA ILE B 202 9.27 19.98 -22.13
C ILE B 202 10.58 20.12 -22.89
N GLN B 203 11.05 21.36 -22.97
CA GLN B 203 12.35 21.66 -23.54
C GLN B 203 13.43 21.23 -22.55
N MET B 204 14.48 20.60 -23.06
CA MET B 204 15.67 20.32 -22.28
C MET B 204 16.82 21.10 -22.92
N LYS B 205 17.63 21.75 -22.10
CA LYS B 205 18.67 22.67 -22.55
C LYS B 205 20.07 22.06 -22.58
N GLY B 206 20.21 20.83 -22.08
CA GLY B 206 21.51 20.17 -22.01
C GLY B 206 21.48 18.93 -21.15
N VAL B 207 22.32 17.96 -21.50
CA VAL B 207 22.54 16.78 -20.68
C VAL B 207 24.04 16.70 -20.41
N SER B 208 24.39 16.78 -19.14
CA SER B 208 25.79 16.85 -18.72
C SER B 208 26.23 15.56 -18.08
N VAL B 209 27.44 15.11 -18.43
CA VAL B 209 28.09 14.00 -17.79
C VAL B 209 29.23 14.63 -16.99
N GLY B 210 29.10 14.64 -15.67
CA GLY B 210 29.94 15.48 -14.81
C GLY B 210 29.61 16.95 -15.04
N SER B 211 30.64 17.79 -15.06
CA SER B 211 30.49 19.23 -15.28
C SER B 211 30.35 19.65 -16.76
N SER B 212 30.67 18.74 -17.68
CA SER B 212 30.71 19.05 -19.13
C SER B 212 29.37 18.71 -19.80
N THR B 213 28.82 19.68 -20.53
CA THR B 213 27.58 19.46 -21.30
C THR B 213 27.92 18.71 -22.58
N LEU B 214 27.78 17.40 -22.49
CA LEU B 214 28.19 16.48 -23.53
C LEU B 214 27.12 16.41 -24.63
N LEU B 215 25.86 16.42 -24.21
CA LEU B 215 24.73 16.10 -25.08
C LEU B 215 23.65 17.17 -25.01
N CYS B 216 22.80 17.21 -26.02
CA CYS B 216 21.71 18.17 -26.09
C CYS B 216 22.23 19.61 -25.99
N GLU B 217 23.34 19.88 -26.65
CA GLU B 217 24.06 21.16 -26.51
C GLU B 217 23.21 22.33 -27.00
N ASP B 218 22.48 22.13 -28.10
CA ASP B 218 21.59 23.16 -28.67
C ASP B 218 20.11 22.92 -28.38
N GLY B 219 19.81 22.24 -27.27
CA GLY B 219 18.43 21.99 -26.88
C GLY B 219 17.83 20.75 -27.51
N CYS B 220 16.88 20.14 -26.79
CA CYS B 220 16.22 18.91 -27.22
C CYS B 220 14.91 18.76 -26.44
N LEU B 221 14.19 17.67 -26.71
CA LEU B 221 12.89 17.42 -26.10
C LEU B 221 13.00 16.37 -24.99
N ALA B 222 12.19 16.53 -23.95
CA ALA B 222 12.08 15.56 -22.88
C ALA B 222 10.60 15.26 -22.60
N LEU B 223 10.20 14.03 -22.93
CA LEU B 223 8.89 13.49 -22.61
C LEU B 223 8.96 13.02 -21.16
N VAL B 224 8.13 13.58 -20.28
CA VAL B 224 8.11 13.17 -18.88
C VAL B 224 7.07 12.06 -18.79
N ASP B 225 7.57 10.82 -18.73
CA ASP B 225 6.78 9.65 -19.08
C ASP B 225 6.75 8.65 -17.95
N THR B 226 5.67 8.68 -17.21
CA THR B 226 5.51 7.83 -16.02
C THR B 226 5.34 6.35 -16.36
N GLY B 227 4.92 6.07 -17.58
CA GLY B 227 4.83 4.70 -18.10
C GLY B 227 6.11 4.12 -18.68
N ALA B 228 7.18 4.93 -18.80
CA ALA B 228 8.48 4.42 -19.24
C ALA B 228 9.30 4.03 -18.01
N SER B 229 9.99 2.89 -18.10
CA SER B 229 10.81 2.38 -17.01
C SER B 229 12.05 3.23 -16.78
N TYR B 230 12.65 3.70 -17.86
CA TYR B 230 13.99 4.27 -17.81
C TYR B 230 14.03 5.72 -18.23
N ILE B 231 15.20 6.31 -18.09
CA ILE B 231 15.55 7.49 -18.87
C ILE B 231 15.98 6.96 -20.23
N SER B 232 15.42 7.53 -21.29
CA SER B 232 15.82 7.16 -22.62
C SER B 232 16.20 8.37 -23.45
N GLY B 233 17.09 8.12 -24.41
CA GLY B 233 17.39 9.08 -25.47
C GLY B 233 17.48 8.31 -26.76
N SER B 234 17.75 9.03 -27.85
CA SER B 234 17.96 8.38 -29.13
C SER B 234 19.15 7.42 -29.03
N THR B 235 19.20 6.48 -29.95
CA THR B 235 20.31 5.53 -30.04
C THR B 235 21.64 6.26 -30.12
N SER B 236 21.70 7.31 -30.94
CA SER B 236 22.87 8.18 -31.05
C SER B 236 23.26 8.83 -29.73
N SER B 237 22.30 9.44 -29.05
CA SER B 237 22.56 10.13 -27.79
C SER B 237 23.10 9.17 -26.72
N ILE B 238 22.44 8.03 -26.59
CA ILE B 238 22.79 7.04 -25.59
C ILE B 238 24.13 6.38 -25.89
N GLU B 239 24.42 6.10 -27.15
CA GLU B 239 25.76 5.62 -27.53
C GLU B 239 26.85 6.58 -27.04
N LYS B 240 26.64 7.88 -27.27
CA LYS B 240 27.58 8.91 -26.80
C LYS B 240 27.65 8.96 -25.29
N LEU B 241 26.48 8.96 -24.66
CA LEU B 241 26.39 8.94 -23.19
C LEU B 241 27.16 7.76 -22.60
N MET B 242 26.90 6.58 -23.14
CA MET B 242 27.48 5.36 -22.60
C MET B 242 28.99 5.28 -22.81
N GLU B 243 29.46 5.74 -23.97
CA GLU B 243 30.90 5.88 -24.22
C GLU B 243 31.57 6.78 -23.18
N ALA B 244 30.94 7.91 -22.87
CA ALA B 244 31.44 8.81 -21.81
C ALA B 244 31.43 8.15 -20.42
N LEU B 245 30.43 7.31 -20.15
CA LEU B 245 30.36 6.55 -18.89
C LEU B 245 31.35 5.38 -18.79
N GLY B 246 31.83 4.86 -19.91
CA GLY B 246 32.63 3.64 -19.93
C GLY B 246 31.80 2.35 -19.92
N ALA B 247 30.48 2.49 -20.13
CA ALA B 247 29.58 1.34 -20.16
C ALA B 247 29.65 0.69 -21.53
N LYS B 248 29.59 -0.63 -21.56
CA LYS B 248 29.63 -1.38 -22.80
C LYS B 248 28.31 -2.09 -23.04
N LYS B 249 27.94 -2.23 -24.31
CA LYS B 249 26.73 -2.95 -24.69
C LYS B 249 26.99 -4.45 -24.60
N ARG B 250 26.42 -5.07 -23.56
CA ARG B 250 26.64 -6.48 -23.23
C ARG B 250 26.20 -7.41 -24.37
N LEU B 251 24.89 -7.46 -24.58
CA LEU B 251 24.26 -8.25 -25.62
C LEU B 251 22.93 -7.56 -25.93
N PHE B 252 22.11 -7.41 -24.89
CA PHE B 252 20.86 -6.68 -24.97
C PHE B 252 20.99 -5.26 -24.40
N ASP B 253 21.65 -5.10 -23.23
CA ASP B 253 21.73 -3.80 -22.53
C ASP B 253 23.16 -3.27 -22.34
N TYR B 254 23.26 -2.03 -21.80
CA TYR B 254 24.54 -1.42 -21.42
C TYR B 254 24.90 -1.78 -19.98
N VAL B 255 26.16 -2.14 -19.77
CA VAL B 255 26.65 -2.57 -18.45
C VAL B 255 27.99 -1.94 -18.08
N VAL B 256 28.19 -1.81 -16.76
CA VAL B 256 29.52 -1.58 -16.17
C VAL B 256 29.81 -2.69 -15.17
N LYS B 257 31.09 -2.85 -14.82
CA LYS B 257 31.46 -3.68 -13.69
C LYS B 257 30.86 -3.06 -12.43
N CYS B 258 30.27 -3.88 -11.58
CA CYS B 258 29.49 -3.37 -10.46
C CYS B 258 30.32 -2.51 -9.51
N ASN B 259 31.57 -2.90 -9.27
CA ASN B 259 32.46 -2.07 -8.45
C ASN B 259 32.76 -0.68 -9.02
N GLU B 260 32.64 -0.52 -10.33
CA GLU B 260 32.92 0.76 -10.97
C GLU B 260 31.74 1.72 -10.95
N GLY B 261 30.54 1.23 -10.62
CA GLY B 261 29.37 2.09 -10.48
C GLY B 261 29.56 3.38 -9.67
N PRO B 262 30.11 3.26 -8.44
CA PRO B 262 30.50 4.42 -7.61
C PRO B 262 31.57 5.38 -8.19
N THR B 263 32.26 4.98 -9.25
CA THR B 263 33.23 5.84 -9.94
C THR B 263 32.58 6.70 -11.03
N LEU B 264 31.38 6.34 -11.45
CA LEU B 264 30.76 6.99 -12.61
C LEU B 264 30.26 8.39 -12.25
N PRO B 265 30.36 9.34 -13.20
CA PRO B 265 30.02 10.71 -12.87
C PRO B 265 28.52 10.93 -12.80
N ASP B 266 28.13 12.02 -12.17
CA ASP B 266 26.74 12.46 -12.15
C ASP B 266 26.28 12.77 -13.56
N ILE B 267 25.00 12.53 -13.83
CA ILE B 267 24.38 12.95 -15.07
C ILE B 267 23.32 14.00 -14.72
N SER B 268 23.41 15.17 -15.37
CA SER B 268 22.49 16.28 -15.11
C SER B 268 21.64 16.64 -16.33
N PHE B 269 20.35 16.81 -16.10
CA PHE B 269 19.40 17.17 -17.14
C PHE B 269 18.99 18.62 -16.90
N HIS B 270 19.29 19.49 -17.84
CA HIS B 270 19.06 20.92 -17.70
C HIS B 270 17.61 21.22 -18.14
N LEU B 271 16.74 21.44 -17.17
CA LEU B 271 15.32 21.68 -17.42
C LEU B 271 14.89 22.96 -16.73
N GLY B 272 14.38 23.90 -17.49
CA GLY B 272 13.83 25.15 -16.95
C GLY B 272 14.81 25.95 -16.10
N GLY B 273 16.05 26.02 -16.54
CA GLY B 273 17.05 26.79 -15.79
C GLY B 273 17.47 26.20 -14.45
N LYS B 274 17.09 24.95 -14.17
CA LYS B 274 17.59 24.18 -13.03
C LYS B 274 18.25 22.91 -13.57
N GLU B 275 19.27 22.45 -12.86
CA GLU B 275 19.97 21.22 -13.22
C GLU B 275 19.43 20.09 -12.37
N TYR B 276 18.90 19.05 -13.04
CA TYR B 276 18.33 17.88 -12.37
C TYR B 276 19.36 16.75 -12.43
N THR B 277 19.97 16.48 -11.28
CA THR B 277 21.17 15.65 -11.23
C THR B 277 20.89 14.29 -10.61
N LEU B 278 21.31 13.25 -11.33
CA LEU B 278 21.31 11.89 -10.84
C LEU B 278 22.75 11.46 -10.62
N THR B 279 23.02 10.86 -9.46
CA THR B 279 24.30 10.23 -9.19
C THR B 279 24.26 8.82 -9.79
N SER B 280 25.40 8.16 -9.83
CA SER B 280 25.46 6.76 -10.29
C SER B 280 24.54 5.81 -9.50
N ALA B 281 24.37 6.07 -8.21
CA ALA B 281 23.41 5.31 -7.41
C ALA B 281 21.97 5.45 -7.93
N ASP B 282 21.65 6.58 -8.55
CA ASP B 282 20.33 6.82 -9.14
C ASP B 282 20.11 6.15 -10.49
N TYR B 283 21.17 5.88 -11.25
CA TYR B 283 21.01 5.32 -12.60
C TYR B 283 21.71 3.98 -12.84
N VAL B 284 22.46 3.44 -11.88
CA VAL B 284 23.02 2.10 -12.00
C VAL B 284 22.20 1.19 -11.11
N PHE B 285 21.76 0.05 -11.65
CA PHE B 285 21.16 -1.01 -10.84
C PHE B 285 22.30 -1.77 -10.17
N GLN B 286 22.64 -1.36 -8.95
CA GLN B 286 23.69 -2.02 -8.19
C GLN B 286 23.15 -3.34 -7.60
N GLU B 287 22.93 -4.33 -8.46
CA GLU B 287 22.55 -5.69 -8.05
C GLU B 287 23.69 -6.32 -7.25
N SER B 288 24.89 -5.78 -7.43
CA SER B 288 26.06 -6.06 -6.62
C SER B 288 26.95 -4.80 -6.52
N TYR B 289 28.06 -4.89 -5.79
CA TYR B 289 29.18 -3.91 -5.83
C TYR B 289 30.49 -4.65 -6.27
N SER B 290 30.33 -5.85 -6.80
CA SER B 290 31.45 -6.74 -7.01
C SER B 290 32.27 -6.36 -8.23
N SER B 291 33.58 -6.51 -8.13
CA SER B 291 34.48 -6.50 -9.30
C SER B 291 34.32 -7.72 -10.22
N LYS B 292 33.60 -8.73 -9.77
CA LYS B 292 33.39 -9.98 -10.50
C LYS B 292 32.03 -10.05 -11.20
N LYS B 293 31.21 -9.01 -11.05
CA LYS B 293 29.86 -8.97 -11.64
C LYS B 293 29.64 -7.73 -12.50
N LEU B 294 28.67 -7.84 -13.40
CA LEU B 294 28.24 -6.75 -14.26
C LEU B 294 26.90 -6.22 -13.77
N CYS B 295 26.76 -4.90 -13.79
CA CYS B 295 25.56 -4.20 -13.38
C CYS B 295 25.01 -3.40 -14.56
N THR B 296 23.69 -3.45 -14.73
CA THR B 296 23.00 -2.78 -15.83
C THR B 296 22.63 -1.36 -15.41
N LEU B 297 22.49 -0.49 -16.39
CA LEU B 297 22.09 0.88 -16.14
C LEU B 297 20.61 1.04 -16.38
N ALA B 298 20.03 2.03 -15.72
CA ALA B 298 18.60 2.36 -15.85
C ALA B 298 18.38 3.46 -16.88
N ILE B 299 19.20 3.45 -17.93
CA ILE B 299 19.16 4.37 -19.05
C ILE B 299 19.26 3.50 -20.29
N HIS B 300 18.34 3.68 -21.23
CA HIS B 300 18.26 2.85 -22.43
C HIS B 300 18.06 3.71 -23.68
N ALA B 301 18.49 3.21 -24.83
CA ALA B 301 18.16 3.84 -26.11
C ALA B 301 16.67 3.62 -26.39
N MET B 302 16.01 4.63 -26.92
CA MET B 302 14.65 4.48 -27.45
C MET B 302 14.41 5.54 -28.50
N ASP B 303 14.28 5.12 -29.76
CA ASP B 303 14.02 6.03 -30.86
C ASP B 303 12.52 6.21 -30.96
N ILE B 304 12.02 7.25 -30.30
CA ILE B 304 10.59 7.55 -30.30
C ILE B 304 10.30 8.28 -31.62
N PRO B 305 9.36 7.75 -32.44
CA PRO B 305 9.17 8.34 -33.76
C PRO B 305 8.39 9.67 -33.72
N PRO B 306 8.43 10.45 -34.82
CA PRO B 306 7.60 11.68 -34.87
C PRO B 306 6.09 11.37 -34.81
N PRO B 307 5.26 12.34 -34.43
CA PRO B 307 5.66 13.72 -34.10
C PRO B 307 6.22 13.94 -32.67
N THR B 308 5.93 13.03 -31.73
CA THR B 308 6.43 13.15 -30.36
C THR B 308 7.96 13.15 -30.28
N GLY B 309 8.61 12.27 -31.04
CA GLY B 309 10.07 12.18 -31.08
C GLY B 309 10.65 12.75 -32.34
N PRO B 310 11.99 12.73 -32.51
CA PRO B 310 12.94 12.20 -31.54
C PRO B 310 12.90 12.99 -30.24
N THR B 311 13.08 12.30 -29.12
CA THR B 311 12.99 12.94 -27.82
C THR B 311 13.62 12.07 -26.79
N TRP B 312 14.11 12.71 -25.73
CA TRP B 312 14.44 11.99 -24.53
C TRP B 312 13.13 11.65 -23.84
N ALA B 313 13.15 10.61 -23.01
CA ALA B 313 12.02 10.27 -22.16
C ALA B 313 12.54 10.14 -20.74
N LEU B 314 11.99 10.94 -19.84
CA LEU B 314 12.30 10.86 -18.44
C LEU B 314 11.24 9.98 -17.79
N GLY B 315 11.58 8.71 -17.63
CA GLY B 315 10.69 7.72 -17.03
C GLY B 315 11.02 7.51 -15.58
N ALA B 316 10.78 6.29 -15.11
CA ALA B 316 10.82 5.98 -13.67
C ALA B 316 12.18 6.27 -13.02
N THR B 317 13.27 6.02 -13.74
CA THR B 317 14.62 6.38 -13.28
C THR B 317 14.71 7.85 -12.82
N PHE B 318 14.13 8.74 -13.61
CA PHE B 318 14.12 10.16 -13.28
C PHE B 318 13.13 10.45 -12.16
N ILE B 319 11.94 9.88 -12.25
CA ILE B 319 10.85 10.15 -11.31
C ILE B 319 11.20 9.67 -9.89
N ARG B 320 11.91 8.56 -9.79
CA ARG B 320 12.43 8.09 -8.49
C ARG B 320 13.24 9.15 -7.77
N LYS B 321 14.06 9.87 -8.52
CA LYS B 321 14.85 10.97 -7.98
C LYS B 321 13.98 12.18 -7.72
N PHE B 322 13.13 12.51 -8.69
CA PHE B 322 12.32 13.72 -8.64
C PHE B 322 10.82 13.44 -8.67
N TYR B 323 10.19 13.64 -7.52
CA TYR B 323 8.76 13.68 -7.39
C TYR B 323 8.20 14.67 -8.40
N THR B 324 7.19 14.24 -9.15
CA THR B 324 6.74 14.95 -10.33
C THR B 324 5.29 15.33 -10.23
N GLU B 325 5.00 16.60 -10.44
CA GLU B 325 3.64 17.10 -10.53
C GLU B 325 3.33 17.54 -11.96
N PHE B 326 2.26 16.96 -12.50
CA PHE B 326 1.76 17.28 -13.81
C PHE B 326 0.61 18.25 -13.65
N ASP B 327 0.80 19.47 -14.15
CA ASP B 327 -0.10 20.58 -13.94
C ASP B 327 -0.86 20.88 -15.23
N ARG B 328 -2.11 20.42 -15.29
CA ARG B 328 -2.97 20.65 -16.44
C ARG B 328 -3.50 22.08 -16.52
N ARG B 329 -3.78 22.70 -15.37
CA ARG B 329 -4.27 24.06 -15.37
C ARG B 329 -3.29 25.02 -16.06
N ASN B 330 -1.99 24.80 -15.84
CA ASN B 330 -0.91 25.64 -16.36
C ASN B 330 -0.05 25.02 -17.46
N ASN B 331 -0.35 23.80 -17.91
CA ASN B 331 0.49 23.07 -18.87
C ASN B 331 1.95 23.18 -18.52
N ARG B 332 2.29 22.63 -17.37
CA ARG B 332 3.66 22.61 -16.92
C ARG B 332 3.89 21.41 -16.06
N ILE B 333 5.16 21.10 -15.83
CA ILE B 333 5.54 19.97 -15.01
C ILE B 333 6.45 20.46 -13.89
N GLY B 334 6.08 20.12 -12.66
CA GLY B 334 6.87 20.45 -11.48
C GLY B 334 7.69 19.27 -10.98
N PHE B 335 8.90 19.57 -10.51
CA PHE B 335 9.78 18.59 -9.91
C PHE B 335 10.23 19.05 -8.54
N ALA B 336 10.36 18.10 -7.63
CA ALA B 336 11.04 18.30 -6.35
C ALA B 336 11.70 17.00 -5.96
N LEU B 337 12.76 17.08 -5.15
CA LEU B 337 13.51 15.91 -4.72
C LEU B 337 12.57 14.96 -3.96
N ALA B 338 12.45 13.72 -4.44
CA ALA B 338 11.65 12.69 -3.77
C ALA B 338 12.30 12.22 -2.47
N ARG B 339 11.49 11.66 -1.57
CA ARG B 339 11.97 10.99 -0.34
C ARG B 339 11.01 9.88 0.13
C1 NAG C . -10.42 -6.84 43.31
C2 NAG C . -10.79 -6.70 44.79
C3 NAG C . -12.18 -7.28 45.05
C4 NAG C . -13.22 -6.77 44.05
C5 NAG C . -12.69 -6.89 42.63
C6 NAG C . -13.63 -6.32 41.59
C7 NAG C . -8.95 -6.77 46.45
C8 NAG C . -8.14 -7.69 47.34
N2 NAG C . -9.88 -7.39 45.71
O3 NAG C . -12.57 -6.92 46.40
O4 NAG C . -14.42 -7.55 44.20
O5 NAG C . -11.42 -6.23 42.52
O6 NAG C . -13.80 -4.91 41.79
O7 NAG C . -8.74 -5.57 46.44
C1 NAG C . -15.51 -6.83 44.82
C2 NAG C . -16.84 -7.45 44.39
C3 NAG C . -17.99 -6.72 45.07
C4 NAG C . -17.78 -6.71 46.58
C5 NAG C . -16.43 -6.08 46.91
C6 NAG C . -16.17 -6.07 48.42
C7 NAG C . -16.79 -8.43 42.12
C8 NAG C . -17.03 -8.16 40.66
N2 NAG C . -17.01 -7.40 42.94
O3 NAG C . -19.24 -7.34 44.76
O4 NAG C . -18.86 -5.98 47.19
O5 NAG C . -15.40 -6.81 46.24
O6 NAG C . -14.87 -5.54 48.68
O7 NAG C . -16.39 -9.52 42.50
C5 74U D . 2.01 -11.46 19.39
C7 74U D . 0.21 -11.33 20.85
C8 74U D . -0.45 -11.71 22.04
C10 74U D . -2.27 -10.22 21.48
C13 74U D . 3.33 -11.97 18.96
C15 74U D . 4.79 -12.76 17.19
C17 74U D . 5.62 -12.50 19.45
C20 74U D . -0.17 -6.26 16.59
C21 74U D . -0.92 -5.47 15.70
C22 74U D . -1.29 -6.26 14.68
C1 74U D . 0.55 -8.68 16.68
N2 74U D . -0.21 -9.09 17.88
C3 74U D . 0.28 -10.01 18.79
N4 74U D . 1.46 -10.57 18.56
N6 74U D . 1.42 -11.85 20.52
C9 74U D . -1.65 -11.15 22.33
C11 74U D . -1.67 -9.83 20.32
C12 74U D . -0.41 -10.37 19.97
C14 74U D . 3.55 -12.31 17.62
C16 74U D . 5.82 -12.86 18.11
C18 74U D . 4.39 -12.06 19.89
C19 74U D . -0.13 -7.50 16.07
O23 74U D . -0.83 -7.50 14.91
C1 PEG E . 5.16 -16.84 15.48
O1 PEG E . 5.07 -16.17 16.74
C2 PEG E . 5.34 -18.34 15.69
O2 PEG E . 6.71 -18.72 15.44
C3 PEG E . 7.41 -19.30 16.55
C4 PEG E . 8.63 -20.07 16.07
O4 PEG E . 9.82 -19.57 16.70
C1 NAG F . -18.97 4.94 -29.18
C2 NAG F . -20.11 5.21 -30.15
C3 NAG F . -19.64 6.22 -31.19
C4 NAG F . -19.12 7.49 -30.52
C5 NAG F . -18.16 7.19 -29.38
C6 NAG F . -17.85 8.45 -28.58
C7 NAG F . -21.68 3.35 -30.53
C8 NAG F . -21.95 2.10 -31.32
N2 NAG F . -20.53 3.98 -30.80
O3 NAG F . -20.74 6.54 -32.06
O4 NAG F . -18.46 8.30 -31.50
O5 NAG F . -18.69 6.18 -28.51
O6 NAG F . -16.98 9.29 -29.35
O7 NAG F . -22.48 3.74 -29.70
C1 PEG G . -12.29 -8.89 -7.95
O1 PEG G . -12.16 -7.58 -8.52
C2 PEG G . -13.41 -9.64 -8.65
O2 PEG G . -14.07 -10.50 -7.72
C3 PEG G . -15.18 -9.90 -7.06
C4 PEG G . -15.89 -10.94 -6.19
O4 PEG G . -16.00 -12.18 -6.90
C1 PGE H . -3.25 26.97 -20.61
O1 PGE H . -4.01 25.89 -21.19
C2 PGE H . -1.94 26.41 -20.09
O2 PGE H . -1.01 27.42 -19.70
C3 PGE H . -0.22 27.97 -20.76
C4 PGE H . 1.17 27.33 -20.84
O4 PGE H . 2.46 26.99 -24.75
C6 PGE H . 2.39 25.77 -23.99
C5 PGE H . 2.45 26.07 -22.50
O3 PGE H . 1.47 27.07 -22.22
#